data_4REB
#
_entry.id   4REB
#
_cell.length_a   104.770
_cell.length_b   104.770
_cell.length_c   127.550
_cell.angle_alpha   90.000
_cell.angle_beta   90.000
_cell.angle_gamma   120.000
#
_symmetry.space_group_name_H-M   'P 31'
#
loop_
_entity.id
_entity.type
_entity.pdbx_description
1 polymer "DNA (5'-D(P*GP*TP*GP*GP*CP*GP*AP*GP*C)-3')"
2 polymer "DNA (5'-D(P*CP*GP*TP*GP*GP*CP*GP*AP*GP*CP*GP*CP*TP*CP*GP*CP*CP*AP*CP*G)-3')"
3 polymer "DNA (5'-D(P*GP*CP*TP*CP*GP*CP*CP*AP*CP*G)-3')"
4 polymer 'Fanconi-associated nuclease 1'
5 non-polymer 'SAMARIUM (III) ION'
#
loop_
_entity_poly.entity_id
_entity_poly.type
_entity_poly.pdbx_seq_one_letter_code
_entity_poly.pdbx_strand_id
1 'polydeoxyribonucleotide' (DG)(DT)(DG)(DG)(DC)(DG)(DA)(DG)(DC) D
2 'polydeoxyribonucleotide' (DC)(DG)(DT)(DG)(DG)(DC)(DG)(DA)(DG)(DC)(DG)(DC)(DT)(DC)(DG)(DC)(DC)(DA)(DC)(DG) E
3 'polydeoxyribonucleotide' (DG)(DC)(DT)(DC)(DG)(DC)(DC)(DA)(DC)(DG) F
4 'polypeptide(L)'
;EFPYYLRSFLVVLKTVLENEDDMLLFDEQEKGIVTKFYQLSATGQKLYVRLFQRKLSWIKMTKLEYEEIALDLTPVIEEL
TNAGFLQTESELQELSEVLELLSAPELKSLAKTFHLVNPNGQKQQLVDAFLKLAKQRSVCTWGKNKPGIGAVILKRAKAL
AGQSVRICKGPRAVFSRILLLFSLTDSMEDEDAACGGQGQLSTVLLVNLGRMEFPSYTINRKTHIFQDRDDLIRYAAATH
MLSDISSAMANGNWEEAKELAQCAKRDWNRLKNHPSLRCHEDLPLFLRCFTVGWIYTRILSRFVEILQRLHMYEEAVREL
ESLLSQRIYCPDSRGRWWDRLALNLHQHLKRLEPTIKCITEGLADPEVRTGHRLSLYQRAVRLRESPSCKKFKHLFQQLP
EMAVQDVKHVTITGRLCPQRGMCKSVFVMEAGEAADPTTVLCSVEELALAHYRRSGFDQGIHGEGSTFSTLYGLLLWDII
FMDGIPDVFRNACQAFPLDLCTDSFFTSRRPALEARLQLIHDAPEESLRAWVAATWHEQEGRVASLVSWDRFTSLQQAQD
LVSCLGGPVLSGVCRHLAADFRHCRGGLPALVVWNSQSRHFKLVEVKGPNDRLSHKQMIWLAELQKLGAEVEVCHVVAVG
AKSQSLS
;
A,H
#
# COMPACT_ATOMS: atom_id res chain seq x y z
N GLU D 1 43.04 -22.59 -38.65
CA GLU D 1 43.10 -24.07 -38.61
C GLU D 1 42.28 -24.62 -37.44
N PHE D 2 42.46 -24.04 -36.27
CA PHE D 2 42.15 -24.69 -35.05
C PHE D 2 41.49 -23.67 -34.15
N PRO D 3 40.16 -23.58 -34.22
CA PRO D 3 39.41 -22.48 -33.59
C PRO D 3 39.41 -22.50 -32.07
N TYR D 4 39.28 -21.32 -31.45
CA TYR D 4 39.51 -21.18 -30.01
C TYR D 4 38.60 -22.07 -29.16
N TYR D 5 37.32 -22.12 -29.49
CA TYR D 5 36.32 -22.81 -28.67
C TYR D 5 36.65 -24.31 -28.63
N LEU D 6 37.12 -24.82 -29.76
CA LEU D 6 37.47 -26.23 -29.81
C LEU D 6 38.75 -26.49 -29.05
N ARG D 7 39.71 -25.58 -29.15
CA ARG D 7 40.92 -25.61 -28.33
C ARG D 7 40.55 -25.71 -26.87
N SER D 8 39.79 -24.73 -26.35
CA SER D 8 39.33 -24.80 -24.96
C SER D 8 38.66 -26.16 -24.59
N PHE D 9 37.77 -26.63 -25.45
CA PHE D 9 37.05 -27.89 -25.27
C PHE D 9 38.04 -29.07 -25.20
N LEU D 10 39.00 -29.04 -26.10
CA LEU D 10 40.01 -30.10 -26.09
C LEU D 10 40.94 -30.02 -24.91
N VAL D 11 41.21 -28.82 -24.39
CA VAL D 11 42.05 -28.71 -23.18
C VAL D 11 41.40 -29.42 -21.99
N VAL D 12 40.12 -29.11 -21.78
CA VAL D 12 39.36 -29.73 -20.71
C VAL D 12 39.35 -31.25 -20.88
N LEU D 13 39.05 -31.74 -22.06
CA LEU D 13 39.10 -33.17 -22.31
C LEU D 13 40.42 -33.83 -21.94
N LYS D 14 41.52 -33.17 -22.33
CA LYS D 14 42.87 -33.72 -22.07
C LYS D 14 43.18 -33.79 -20.57
N THR D 15 42.86 -32.72 -19.87
CA THR D 15 43.09 -32.63 -18.45
C THR D 15 42.34 -33.75 -17.74
N VAL D 16 41.04 -33.91 -17.95
CA VAL D 16 40.31 -34.99 -17.29
C VAL D 16 40.83 -36.38 -17.72
N LEU D 17 40.99 -36.57 -19.02
CA LEU D 17 41.42 -37.86 -19.56
C LEU D 17 42.80 -38.38 -19.11
N GLU D 18 43.82 -37.53 -19.03
CA GLU D 18 45.14 -38.01 -18.63
C GLU D 18 45.22 -38.41 -17.19
N ASN D 19 44.31 -37.92 -16.34
CA ASN D 19 44.29 -38.29 -14.93
C ASN D 19 43.39 -39.53 -14.69
N GLU D 20 44.05 -40.63 -14.39
CA GLU D 20 43.43 -41.94 -14.51
C GLU D 20 42.33 -42.21 -13.49
N ASP D 21 42.44 -41.67 -12.28
CA ASP D 21 41.47 -41.98 -11.24
C ASP D 21 40.10 -41.40 -11.53
N ASP D 22 40.09 -40.17 -12.02
CA ASP D 22 38.80 -39.58 -12.43
C ASP D 22 38.25 -40.27 -13.66
N MET D 23 39.13 -40.71 -14.55
CA MET D 23 38.75 -41.52 -15.68
C MET D 23 38.12 -42.85 -15.31
N LEU D 24 38.35 -43.32 -14.09
CA LEU D 24 37.78 -44.56 -13.63
C LEU D 24 36.27 -44.42 -13.30
N LEU D 25 35.79 -43.21 -13.42
CA LEU D 25 34.43 -42.90 -13.02
C LEU D 25 33.49 -42.90 -14.21
N PHE D 26 33.87 -43.57 -15.29
CA PHE D 26 33.02 -43.64 -16.48
C PHE D 26 32.93 -45.05 -16.99
N ASP D 27 31.76 -45.46 -17.46
CA ASP D 27 31.60 -46.83 -17.97
C ASP D 27 32.04 -46.98 -19.42
N GLU D 28 32.02 -48.20 -19.94
CA GLU D 28 32.61 -48.50 -21.25
C GLU D 28 31.91 -47.82 -22.41
N GLN D 29 30.59 -47.75 -22.36
CA GLN D 29 29.82 -47.12 -23.42
C GLN D 29 30.13 -45.63 -23.46
N GLU D 30 30.37 -45.06 -22.27
CA GLU D 30 30.68 -43.64 -22.16
C GLU D 30 32.06 -43.35 -22.73
N LYS D 31 33.06 -44.14 -22.36
CA LYS D 31 34.39 -44.01 -22.96
C LYS D 31 34.29 -44.18 -24.48
N GLY D 32 33.48 -45.13 -24.92
CA GLY D 32 33.14 -45.33 -26.33
C GLY D 32 32.62 -44.10 -27.02
N ILE D 33 31.86 -43.34 -26.27
CA ILE D 33 31.33 -42.05 -26.71
C ILE D 33 32.43 -41.00 -26.94
N VAL D 34 33.36 -40.97 -26.00
CA VAL D 34 34.46 -40.02 -26.11
C VAL D 34 35.35 -40.47 -27.24
N THR D 35 35.57 -41.77 -27.38
CA THR D 35 36.27 -42.29 -28.54
C THR D 35 35.63 -41.82 -29.83
N LYS D 36 34.30 -41.94 -29.91
CA LYS D 36 33.57 -41.53 -31.11
C LYS D 36 33.76 -40.05 -31.41
N PHE D 37 33.83 -39.25 -30.35
CA PHE D 37 34.06 -37.82 -30.51
C PHE D 37 35.41 -37.61 -31.15
N TYR D 38 36.40 -38.34 -30.64
CA TYR D 38 37.78 -38.23 -31.16
C TYR D 38 37.85 -38.66 -32.62
N GLN D 39 36.99 -39.60 -33.01
CA GLN D 39 36.95 -40.03 -34.40
C GLN D 39 36.24 -39.08 -35.35
N LEU D 40 35.69 -38.00 -34.84
CA LEU D 40 34.98 -37.06 -35.70
C LEU D 40 35.95 -36.26 -36.51
N SER D 41 35.56 -35.87 -37.72
CA SER D 41 36.32 -34.88 -38.47
C SER D 41 36.44 -33.60 -37.63
N ALA D 42 37.30 -32.68 -38.08
CA ALA D 42 37.43 -31.40 -37.42
C ALA D 42 36.19 -30.54 -37.64
N THR D 43 35.68 -30.56 -38.86
CA THR D 43 34.47 -29.82 -39.17
C THR D 43 33.33 -30.33 -38.31
N GLY D 44 33.29 -31.64 -38.11
CA GLY D 44 32.29 -32.25 -37.22
C GLY D 44 32.41 -31.82 -35.76
N GLN D 45 33.65 -31.74 -35.29
CA GLN D 45 33.83 -31.40 -33.88
C GLN D 45 33.52 -29.95 -33.68
N LYS D 46 33.86 -29.12 -34.67
CA LYS D 46 33.59 -27.68 -34.60
C LYS D 46 32.09 -27.39 -34.59
N LEU D 47 31.33 -27.99 -35.52
CA LEU D 47 29.87 -27.97 -35.52
C LEU D 47 29.30 -28.50 -34.20
N TYR D 48 29.78 -29.65 -33.76
CA TYR D 48 29.33 -30.23 -32.52
C TYR D 48 29.52 -29.25 -31.39
N VAL D 49 30.69 -28.68 -31.22
CA VAL D 49 30.89 -27.66 -30.19
C VAL D 49 29.91 -26.47 -30.33
N ARG D 50 29.79 -25.95 -31.54
CA ARG D 50 28.92 -24.75 -31.71
C ARG D 50 27.47 -25.07 -31.36
N LEU D 51 27.08 -26.33 -31.53
CA LEU D 51 25.71 -26.75 -31.25
C LEU D 51 25.59 -27.12 -29.79
N PHE D 52 26.67 -27.72 -29.27
CA PHE D 52 26.71 -28.22 -27.90
C PHE D 52 26.60 -27.03 -26.94
N GLN D 53 27.06 -25.82 -27.32
CA GLN D 53 26.97 -24.70 -26.43
C GLN D 53 25.54 -24.19 -26.23
N ARG D 54 24.65 -24.57 -27.13
CA ARG D 54 23.24 -24.19 -27.02
C ARG D 54 22.44 -25.18 -26.20
N LYS D 55 21.42 -24.74 -25.46
CA LYS D 55 20.46 -25.67 -24.88
C LYS D 55 19.67 -26.37 -25.99
N LEU D 56 19.39 -27.61 -25.71
CA LEU D 56 19.00 -28.57 -26.72
C LEU D 56 17.56 -28.33 -27.14
N SER D 57 17.39 -27.67 -28.27
CA SER D 57 16.08 -27.63 -28.93
C SER D 57 16.27 -28.02 -30.39
N TRP D 58 15.17 -28.35 -31.07
CA TRP D 58 15.31 -28.68 -32.49
C TRP D 58 15.61 -27.42 -33.29
N ILE D 59 16.52 -27.49 -34.23
CA ILE D 59 16.84 -26.29 -35.00
C ILE D 59 16.79 -26.63 -36.50
N LYS D 60 16.13 -25.80 -37.29
CA LYS D 60 16.08 -26.03 -38.74
C LYS D 60 17.47 -25.79 -39.33
N MET D 61 17.88 -26.65 -40.26
CA MET D 61 19.13 -26.49 -40.98
C MET D 61 19.24 -25.14 -41.73
N THR D 62 18.09 -24.55 -42.00
CA THR D 62 18.04 -23.20 -42.56
C THR D 62 18.30 -22.12 -41.50
N LYS D 63 18.33 -22.51 -40.24
CA LYS D 63 18.82 -21.65 -39.17
C LYS D 63 20.38 -21.70 -39.09
N LEU D 64 21.01 -22.60 -39.86
CA LEU D 64 22.42 -22.90 -39.63
C LEU D 64 23.31 -22.22 -40.64
N GLU D 65 24.17 -21.33 -40.15
CA GLU D 65 25.15 -20.67 -40.98
C GLU D 65 26.48 -20.59 -40.20
N TYR D 66 27.53 -21.20 -40.74
CA TYR D 66 28.83 -21.11 -40.14
C TYR D 66 29.96 -21.10 -41.15
N GLU D 67 30.37 -19.90 -41.55
CA GLU D 67 31.46 -19.68 -42.47
C GLU D 67 32.75 -20.34 -42.01
N GLU D 68 32.95 -20.32 -40.71
CA GLU D 68 34.15 -20.87 -40.09
C GLU D 68 34.20 -22.39 -40.21
N ILE D 69 33.06 -23.01 -40.50
CA ILE D 69 33.00 -24.46 -40.64
C ILE D 69 33.01 -24.89 -42.11
N ALA D 70 31.93 -24.53 -42.81
CA ALA D 70 31.74 -24.96 -44.20
C ALA D 70 30.70 -24.03 -44.81
N LEU D 71 30.85 -23.74 -46.10
CA LEU D 71 29.92 -22.82 -46.74
C LEU D 71 28.62 -23.53 -47.04
N ASP D 72 28.68 -24.85 -47.17
CA ASP D 72 27.49 -25.72 -47.07
C ASP D 72 27.72 -26.77 -45.98
N LEU D 73 26.91 -26.73 -44.94
CA LEU D 73 27.14 -27.54 -43.77
C LEU D 73 26.63 -28.96 -43.91
N THR D 74 25.87 -29.25 -44.97
CA THR D 74 25.23 -30.57 -45.03
C THR D 74 26.15 -31.77 -44.85
N PRO D 75 27.33 -31.82 -45.50
CA PRO D 75 28.09 -33.06 -45.28
C PRO D 75 28.57 -33.23 -43.83
N VAL D 76 28.84 -32.12 -43.17
CA VAL D 76 29.12 -32.08 -41.72
C VAL D 76 27.97 -32.72 -40.93
N ILE D 77 26.76 -32.33 -41.30
CA ILE D 77 25.52 -32.79 -40.69
C ILE D 77 25.33 -34.27 -40.90
N GLU D 78 25.58 -34.74 -42.12
CA GLU D 78 25.59 -36.17 -42.40
C GLU D 78 26.59 -36.92 -41.50
N GLU D 79 27.82 -36.41 -41.42
CA GLU D 79 28.83 -37.02 -40.56
C GLU D 79 28.37 -37.12 -39.12
N LEU D 80 27.87 -36.01 -38.57
CA LEU D 80 27.45 -36.02 -37.16
C LEU D 80 26.28 -36.96 -36.93
N THR D 81 25.38 -37.07 -37.92
CA THR D 81 24.27 -38.01 -37.80
C THR D 81 24.74 -39.47 -37.84
N ASN D 82 25.60 -39.80 -38.81
CA ASN D 82 26.12 -41.16 -38.95
C ASN D 82 26.84 -41.60 -37.71
N ALA D 83 27.45 -40.63 -36.99
CA ALA D 83 28.23 -40.92 -35.79
C ALA D 83 27.35 -41.17 -34.56
N GLY D 84 26.07 -40.84 -34.69
CA GLY D 84 25.11 -41.04 -33.59
C GLY D 84 25.06 -39.91 -32.57
N PHE D 85 25.45 -38.70 -32.97
CA PHE D 85 25.49 -37.56 -32.11
C PHE D 85 24.45 -36.51 -32.50
N LEU D 86 23.98 -36.53 -33.77
CA LEU D 86 22.89 -35.69 -34.25
C LEU D 86 21.75 -36.54 -34.76
N GLN D 87 20.55 -35.98 -34.72
CA GLN D 87 19.38 -36.69 -35.22
C GLN D 87 18.61 -35.75 -36.14
N THR D 88 17.94 -36.32 -37.13
CA THR D 88 17.22 -35.59 -38.16
C THR D 88 15.71 -35.59 -37.89
N GLU D 89 14.97 -34.86 -38.72
CA GLU D 89 13.53 -34.70 -38.54
C GLU D 89 12.73 -36.04 -38.52
N SER D 90 13.35 -37.10 -39.02
CA SER D 90 12.71 -38.39 -39.02
C SER D 90 12.60 -38.96 -37.63
N GLU D 91 13.21 -38.33 -36.64
CA GLU D 91 13.09 -38.82 -35.27
C GLU D 91 12.19 -37.96 -34.42
N LEU D 92 11.45 -37.06 -35.06
CA LEU D 92 10.54 -36.17 -34.30
C LEU D 92 9.24 -36.89 -33.90
N GLN D 93 9.14 -37.25 -32.63
CA GLN D 93 8.00 -38.02 -32.11
C GLN D 93 7.32 -37.40 -30.92
N GLU D 94 7.83 -36.26 -30.47
CA GLU D 94 7.22 -35.44 -29.41
C GLU D 94 6.43 -34.28 -30.01
N LEU D 95 5.14 -34.23 -29.70
CA LEU D 95 4.26 -33.26 -30.33
C LEU D 95 4.71 -31.81 -30.02
N SER D 96 4.97 -31.55 -28.74
CA SER D 96 5.37 -30.20 -28.34
C SER D 96 6.65 -29.75 -29.04
N GLU D 97 7.65 -30.62 -29.19
CA GLU D 97 8.88 -30.28 -29.90
C GLU D 97 8.59 -29.78 -31.32
N VAL D 98 7.67 -30.43 -32.03
CA VAL D 98 7.38 -30.01 -33.41
C VAL D 98 6.56 -28.72 -33.43
N LEU D 99 5.58 -28.69 -32.53
CA LEU D 99 4.76 -27.49 -32.40
C LEU D 99 5.66 -26.24 -32.16
N GLU D 100 6.61 -26.36 -31.25
CA GLU D 100 7.43 -25.23 -30.88
C GLU D 100 8.49 -24.92 -31.92
N LEU D 101 8.94 -25.92 -32.67
CA LEU D 101 9.84 -25.60 -33.80
C LEU D 101 9.18 -24.63 -34.80
N LEU D 102 7.90 -24.80 -35.13
CA LEU D 102 7.25 -23.90 -36.11
C LEU D 102 7.15 -22.43 -35.68
N SER D 103 7.51 -21.52 -36.60
CA SER D 103 7.37 -20.09 -36.38
C SER D 103 5.87 -19.71 -36.39
N ALA D 104 5.61 -18.40 -36.40
CA ALA D 104 4.26 -17.93 -36.17
C ALA D 104 3.34 -18.15 -37.37
N PRO D 105 3.76 -17.69 -38.57
CA PRO D 105 2.81 -17.89 -39.68
C PRO D 105 2.42 -19.35 -39.93
N GLU D 106 3.36 -20.29 -39.76
CA GLU D 106 3.10 -21.70 -40.03
C GLU D 106 2.03 -22.26 -39.07
N LEU D 107 2.18 -21.91 -37.81
CA LEU D 107 1.24 -22.37 -36.80
C LEU D 107 -0.16 -21.80 -37.09
N LYS D 108 -0.17 -20.55 -37.57
CA LYS D 108 -1.40 -19.91 -37.96
C LYS D 108 -2.01 -20.68 -39.13
N SER D 109 -1.21 -20.93 -40.17
CA SER D 109 -1.66 -21.72 -41.31
C SER D 109 -2.26 -23.07 -40.88
N LEU D 110 -1.50 -23.81 -40.12
CA LEU D 110 -1.94 -25.12 -39.64
C LEU D 110 -3.24 -25.01 -38.88
N ALA D 111 -3.38 -23.95 -38.11
CA ALA D 111 -4.62 -23.69 -37.35
C ALA D 111 -5.80 -23.51 -38.32
N LYS D 112 -5.57 -22.80 -39.44
CA LYS D 112 -6.59 -22.63 -40.43
C LYS D 112 -7.02 -23.97 -41.00
N THR D 113 -6.06 -24.82 -41.28
CA THR D 113 -6.27 -26.19 -41.76
C THR D 113 -7.35 -27.00 -41.04
N PHE D 114 -7.23 -27.18 -39.72
CA PHE D 114 -8.08 -28.07 -38.93
C PHE D 114 -9.43 -27.49 -38.54
N HIS D 115 -9.72 -26.27 -39.00
CA HIS D 115 -10.95 -25.57 -38.70
C HIS D 115 -10.91 -25.18 -37.24
N LEU D 116 -9.72 -24.88 -36.72
CA LEU D 116 -9.67 -24.23 -35.41
C LEU D 116 -10.49 -22.96 -35.50
N VAL D 117 -11.27 -22.70 -34.45
CA VAL D 117 -12.21 -21.60 -34.45
C VAL D 117 -11.46 -20.27 -34.70
N ASN D 118 -10.30 -20.11 -34.07
CA ASN D 118 -9.43 -18.97 -34.31
C ASN D 118 -8.06 -19.38 -34.83
N PRO D 119 -7.68 -18.90 -36.03
CA PRO D 119 -6.33 -19.10 -36.52
C PRO D 119 -5.37 -17.95 -36.15
N ASN D 120 -5.88 -16.85 -35.59
CA ASN D 120 -5.10 -15.65 -35.40
C ASN D 120 -4.88 -15.35 -33.92
N GLY D 121 -5.32 -16.27 -33.09
CA GLY D 121 -5.03 -16.23 -31.66
C GLY D 121 -3.55 -16.25 -31.37
N GLN D 122 -3.20 -15.92 -30.14
CA GLN D 122 -1.79 -15.95 -29.69
C GLN D 122 -1.17 -17.31 -30.03
N LYS D 123 0.15 -17.35 -30.23
CA LYS D 123 0.88 -18.58 -30.46
C LYS D 123 0.61 -19.63 -29.38
N GLN D 124 0.75 -19.21 -28.14
CA GLN D 124 0.53 -20.10 -27.03
C GLN D 124 -0.90 -20.67 -27.02
N GLN D 125 -1.86 -19.86 -27.45
CA GLN D 125 -3.25 -20.30 -27.50
C GLN D 125 -3.44 -21.39 -28.57
N LEU D 126 -2.88 -21.16 -29.75
CA LEU D 126 -2.83 -22.17 -30.80
C LEU D 126 -2.09 -23.43 -30.32
N VAL D 127 -0.92 -23.27 -29.69
CA VAL D 127 -0.17 -24.41 -29.14
C VAL D 127 -1.08 -25.25 -28.25
N ASP D 128 -1.78 -24.57 -27.36
CA ASP D 128 -2.74 -25.20 -26.45
C ASP D 128 -3.94 -25.83 -27.19
N ALA D 129 -4.47 -25.11 -28.18
CA ALA D 129 -5.53 -25.67 -29.00
C ALA D 129 -5.09 -26.97 -29.70
N PHE D 130 -3.91 -26.96 -30.31
CA PHE D 130 -3.34 -28.18 -30.88
C PHE D 130 -3.17 -29.30 -29.87
N LEU D 131 -2.80 -28.97 -28.64
CA LEU D 131 -2.54 -29.99 -27.65
C LEU D 131 -3.84 -30.65 -27.20
N LYS D 132 -4.88 -29.84 -27.13
CA LYS D 132 -6.20 -30.38 -26.83
C LYS D 132 -6.65 -31.26 -28.00
N LEU D 133 -6.63 -30.70 -29.19
CA LEU D 133 -6.92 -31.44 -30.42
C LEU D 133 -6.23 -32.78 -30.48
N ALA D 134 -4.97 -32.88 -30.07
CA ALA D 134 -4.22 -34.13 -30.15
C ALA D 134 -4.93 -35.36 -29.56
N ARG D 156 2.13 -34.48 -39.59
CA ARG D 156 1.76 -33.59 -40.67
C ARG D 156 2.41 -32.22 -40.48
N ALA D 157 2.49 -31.77 -39.23
CA ALA D 157 3.23 -30.54 -38.89
C ALA D 157 4.64 -30.76 -39.41
N LYS D 158 5.13 -32.00 -39.25
CA LYS D 158 6.44 -32.37 -39.80
C LYS D 158 6.40 -32.30 -41.34
N ALA D 159 5.28 -32.71 -41.94
CA ALA D 159 5.15 -32.67 -43.38
C ALA D 159 5.38 -31.25 -43.91
N LEU D 160 4.82 -30.26 -43.22
CA LEU D 160 5.03 -28.87 -43.61
C LEU D 160 6.33 -28.20 -43.07
N ALA D 161 6.80 -28.61 -41.89
CA ALA D 161 8.07 -28.09 -41.37
C ALA D 161 9.31 -28.15 -42.29
N GLY D 162 9.72 -29.36 -42.67
CA GLY D 162 10.95 -29.54 -43.38
C GLY D 162 12.13 -29.92 -42.49
N GLN D 163 13.34 -29.78 -43.01
CA GLN D 163 14.52 -30.42 -42.45
C GLN D 163 14.97 -29.81 -41.15
N SER D 164 15.26 -30.67 -40.17
CA SER D 164 15.58 -30.21 -38.82
C SER D 164 16.62 -31.13 -38.17
N VAL D 165 17.31 -30.60 -37.18
CA VAL D 165 18.35 -31.35 -36.52
C VAL D 165 18.30 -31.15 -34.99
N ARG D 166 18.69 -32.19 -34.26
CA ARG D 166 18.87 -32.07 -32.84
C ARG D 166 20.11 -32.78 -32.31
N ILE D 167 20.78 -32.13 -31.37
CA ILE D 167 21.84 -32.73 -30.51
C ILE D 167 21.28 -33.95 -29.79
N CYS D 168 21.93 -35.10 -29.92
CA CYS D 168 21.43 -36.32 -29.25
C CYS D 168 21.62 -36.21 -27.75
N LYS D 169 20.66 -36.72 -26.99
CA LYS D 169 20.59 -36.45 -25.56
C LYS D 169 21.80 -36.84 -24.65
N GLY D 170 22.07 -38.13 -24.73
CA GLY D 170 22.81 -38.81 -23.68
C GLY D 170 24.26 -38.46 -23.88
N PRO D 171 24.79 -38.55 -25.12
CA PRO D 171 26.18 -38.17 -25.36
C PRO D 171 26.45 -36.71 -24.95
N ARG D 172 25.53 -35.82 -25.21
CA ARG D 172 25.71 -34.51 -24.62
C ARG D 172 25.70 -34.54 -23.11
N ALA D 173 24.97 -35.45 -22.46
CA ALA D 173 25.04 -35.50 -21.01
C ALA D 173 26.41 -35.99 -20.51
N VAL D 174 27.09 -36.74 -21.37
CA VAL D 174 28.42 -37.23 -21.02
C VAL D 174 29.39 -36.07 -21.00
N PHE D 175 29.36 -35.26 -22.04
CA PHE D 175 30.23 -34.12 -22.17
C PHE D 175 29.88 -33.14 -21.09
N SER D 176 28.60 -33.08 -20.77
CA SER D 176 28.10 -32.21 -19.71
C SER D 176 28.75 -32.53 -18.37
N ARG D 177 28.82 -33.81 -18.03
CA ARG D 177 29.45 -34.23 -16.82
C ARG D 177 30.96 -34.02 -16.87
N ILE D 178 31.57 -34.17 -18.04
CA ILE D 178 32.99 -33.95 -18.19
C ILE D 178 33.32 -32.48 -17.89
N LEU D 179 32.57 -31.59 -18.56
CA LEU D 179 32.78 -30.17 -18.36
C LEU D 179 32.53 -29.81 -16.88
N LEU D 180 31.52 -30.43 -16.28
CA LEU D 180 31.21 -30.19 -14.90
C LEU D 180 32.42 -30.51 -14.04
N LEU D 181 33.03 -31.67 -14.29
CA LEU D 181 34.16 -32.13 -13.52
C LEU D 181 35.36 -31.21 -13.59
N PHE D 182 35.51 -30.59 -14.76
CA PHE D 182 36.67 -29.76 -15.00
C PHE D 182 36.70 -28.56 -14.06
N SER D 183 35.61 -27.79 -14.05
CA SER D 183 35.52 -26.66 -13.13
C SER D 183 34.15 -26.63 -12.51
N LEU D 184 34.03 -27.15 -11.31
CA LEU D 184 32.76 -27.30 -10.61
C LEU D 184 32.04 -25.98 -10.28
N THR D 185 32.82 -24.95 -10.01
CA THR D 185 32.22 -23.65 -9.66
C THR D 185 31.99 -22.84 -10.94
N LEU D 205 36.32 -18.37 -15.68
CA LEU D 205 36.31 -19.36 -16.76
C LEU D 205 35.76 -18.73 -18.03
N LEU D 206 36.14 -17.49 -18.25
CA LEU D 206 35.67 -16.69 -19.36
C LEU D 206 36.05 -17.26 -20.71
N VAL D 207 35.40 -16.81 -21.78
CA VAL D 207 35.72 -17.28 -23.14
C VAL D 207 37.15 -16.91 -23.55
N ASN D 208 37.61 -15.75 -23.07
CA ASN D 208 38.98 -15.32 -23.35
C ASN D 208 40.05 -16.25 -22.73
N LEU D 209 39.59 -17.15 -21.84
CA LEU D 209 40.45 -17.99 -21.04
C LEU D 209 41.46 -18.82 -21.79
N GLY D 210 41.00 -19.47 -22.86
CA GLY D 210 41.93 -20.24 -23.70
C GLY D 210 43.10 -19.35 -24.16
N ARG D 211 42.81 -18.09 -24.45
CA ARG D 211 43.85 -17.06 -24.52
C ARG D 211 44.39 -16.62 -23.13
N MET D 212 43.55 -16.72 -22.10
CA MET D 212 43.92 -16.14 -20.80
C MET D 212 44.91 -16.98 -19.97
N GLU D 213 45.67 -16.30 -19.10
CA GLU D 213 46.64 -16.93 -18.25
C GLU D 213 46.30 -16.83 -16.75
N PHE D 214 46.26 -17.98 -16.10
CA PHE D 214 46.09 -18.08 -14.63
C PHE D 214 47.41 -18.03 -13.88
N PRO D 215 47.39 -17.79 -12.57
CA PRO D 215 48.61 -17.80 -11.79
C PRO D 215 49.27 -19.16 -11.77
N SER D 216 50.55 -19.23 -11.41
CA SER D 216 51.23 -20.52 -11.40
C SER D 216 51.17 -21.06 -9.99
N TYR D 217 51.05 -22.38 -9.89
CA TYR D 217 51.05 -23.08 -8.61
C TYR D 217 51.18 -24.54 -8.99
N THR D 218 51.14 -25.45 -8.02
CA THR D 218 51.34 -26.85 -8.38
C THR D 218 50.09 -27.72 -8.10
N ILE D 219 49.88 -28.76 -8.90
CA ILE D 219 48.69 -29.61 -8.80
C ILE D 219 48.85 -30.54 -7.60
N ASN D 220 47.81 -30.71 -6.81
CA ASN D 220 47.90 -31.56 -5.62
C ASN D 220 46.59 -32.33 -5.35
N ARG D 221 46.43 -33.49 -5.99
CA ARG D 221 45.24 -34.34 -5.82
C ARG D 221 45.56 -35.53 -4.92
N LYS D 222 44.75 -35.74 -3.88
CA LYS D 222 44.97 -36.88 -3.00
C LYS D 222 43.65 -37.55 -2.63
N THR D 223 42.59 -36.75 -2.60
CA THR D 223 41.28 -37.25 -2.15
C THR D 223 40.33 -37.35 -3.32
N HIS D 224 39.53 -38.40 -3.30
CA HIS D 224 38.51 -38.60 -4.34
C HIS D 224 37.22 -37.95 -3.93
N ILE D 225 36.73 -37.03 -4.75
CA ILE D 225 35.61 -36.21 -4.38
C ILE D 225 34.28 -36.94 -4.62
N PHE D 226 34.21 -37.69 -5.70
CA PHE D 226 33.06 -38.54 -5.97
C PHE D 226 33.45 -39.99 -5.73
N GLN D 227 32.61 -40.69 -4.99
CA GLN D 227 32.88 -42.06 -4.61
C GLN D 227 32.89 -43.00 -5.79
N ASP D 228 31.98 -42.76 -6.73
CA ASP D 228 31.83 -43.63 -7.89
C ASP D 228 31.10 -42.95 -9.02
N ARG D 229 30.95 -43.68 -10.12
CA ARG D 229 30.28 -43.15 -11.32
C ARG D 229 28.89 -42.62 -10.96
N ASP D 230 28.14 -43.45 -10.25
CA ASP D 230 26.73 -43.14 -9.91
C ASP D 230 26.65 -41.90 -8.97
N ASP D 231 27.63 -41.79 -8.09
CA ASP D 231 27.77 -40.61 -7.26
C ASP D 231 27.90 -39.34 -8.10
N LEU D 232 28.74 -39.38 -9.14
CA LEU D 232 28.84 -38.26 -10.05
C LEU D 232 27.50 -37.95 -10.73
N ILE D 233 26.79 -38.99 -11.14
CA ILE D 233 25.52 -38.87 -11.81
C ILE D 233 24.46 -38.23 -10.90
N ARG D 234 24.43 -38.67 -9.65
CA ARG D 234 23.51 -38.07 -8.69
C ARG D 234 23.91 -36.63 -8.45
N TYR D 235 25.21 -36.37 -8.30
CA TYR D 235 25.70 -34.99 -8.17
C TYR D 235 25.20 -34.10 -9.31
N ALA D 236 25.36 -34.57 -10.54
CA ALA D 236 24.98 -33.77 -11.70
C ALA D 236 23.48 -33.50 -11.73
N ALA D 237 22.68 -34.49 -11.35
CA ALA D 237 21.24 -34.30 -11.38
C ALA D 237 20.81 -33.29 -10.31
N ALA D 238 21.46 -33.31 -9.17
CA ALA D 238 21.17 -32.30 -8.15
C ALA D 238 21.46 -30.92 -8.71
N THR D 239 22.63 -30.79 -9.35
CA THR D 239 23.05 -29.53 -9.96
C THR D 239 21.97 -28.96 -10.88
N HIS D 240 21.48 -29.80 -11.79
CA HIS D 240 20.52 -29.36 -12.77
C HIS D 240 19.20 -28.94 -12.10
N MET D 241 18.79 -29.70 -11.11
CA MET D 241 17.61 -29.35 -10.34
C MET D 241 17.76 -27.96 -9.69
N LEU D 242 18.91 -27.73 -9.04
CA LEU D 242 19.15 -26.46 -8.37
C LEU D 242 19.11 -25.34 -9.39
N SER D 243 19.64 -25.62 -10.56
CA SER D 243 19.64 -24.67 -11.65
C SER D 243 18.23 -24.41 -12.14
N ASP D 244 17.39 -25.45 -12.19
CA ASP D 244 15.96 -25.20 -12.50
C ASP D 244 15.29 -24.30 -11.49
N ILE D 245 15.43 -24.66 -10.20
CA ILE D 245 14.81 -23.92 -9.13
C ILE D 245 15.25 -22.46 -9.14
N SER D 246 16.55 -22.24 -9.29
CA SER D 246 17.09 -20.89 -9.36
C SER D 246 16.46 -20.10 -10.49
N SER D 247 16.40 -20.71 -11.65
CA SER D 247 15.77 -20.10 -12.81
C SER D 247 14.33 -19.67 -12.48
N ALA D 248 13.55 -20.59 -11.91
CA ALA D 248 12.18 -20.34 -11.54
C ALA D 248 12.05 -19.10 -10.62
N MET D 249 12.76 -19.12 -9.48
CA MET D 249 12.73 -18.01 -8.55
C MET D 249 13.07 -16.68 -9.20
N ALA D 250 14.04 -16.69 -10.11
CA ALA D 250 14.48 -15.45 -10.77
C ALA D 250 13.32 -14.81 -11.58
N ASN D 251 12.53 -15.68 -12.16
CA ASN D 251 11.39 -15.31 -13.01
C ASN D 251 10.10 -15.22 -12.23
N GLY D 252 10.16 -15.42 -10.92
CA GLY D 252 8.98 -15.22 -10.07
C GLY D 252 8.00 -16.35 -10.19
N ASN D 253 8.47 -17.52 -10.59
CA ASN D 253 7.56 -18.67 -10.73
C ASN D 253 7.49 -19.49 -9.46
N TRP D 254 7.05 -18.89 -8.37
CA TRP D 254 7.31 -19.40 -7.04
C TRP D 254 6.60 -20.71 -6.74
N GLU D 255 5.44 -20.86 -7.36
CA GLU D 255 4.61 -22.05 -7.17
C GLU D 255 5.25 -23.26 -7.84
N GLU D 256 5.66 -23.10 -9.09
CA GLU D 256 6.45 -24.11 -9.77
C GLU D 256 7.77 -24.37 -9.03
N ALA D 257 8.38 -23.29 -8.53
CA ALA D 257 9.64 -23.42 -7.80
C ALA D 257 9.47 -24.30 -6.56
N LYS D 258 8.31 -24.19 -5.94
CA LYS D 258 7.99 -24.92 -4.72
C LYS D 258 7.73 -26.38 -5.03
N GLU D 259 7.12 -26.64 -6.18
CA GLU D 259 6.88 -28.02 -6.61
C GLU D 259 8.22 -28.69 -6.93
N LEU D 260 9.05 -27.98 -7.67
CA LEU D 260 10.32 -28.54 -8.08
C LEU D 260 11.17 -28.80 -6.84
N ALA D 261 11.15 -27.86 -5.91
CA ALA D 261 11.89 -28.04 -4.65
C ALA D 261 11.30 -29.19 -3.82
N GLN D 262 9.99 -29.37 -3.86
CA GLN D 262 9.33 -30.41 -3.10
C GLN D 262 9.71 -31.80 -3.66
N CYS D 263 9.78 -31.92 -4.97
CA CYS D 263 10.29 -33.14 -5.61
C CYS D 263 11.73 -33.40 -5.23
N ALA D 264 12.58 -32.37 -5.33
CA ALA D 264 13.96 -32.48 -4.92
C ALA D 264 13.99 -32.94 -3.48
N LYS D 265 13.12 -32.33 -2.68
CA LYS D 265 13.11 -32.62 -1.26
C LYS D 265 12.78 -34.09 -1.04
N ARG D 266 11.85 -34.62 -1.83
CA ARG D 266 11.50 -36.06 -1.73
C ARG D 266 12.65 -37.01 -2.14
N ASP D 267 13.32 -36.64 -3.21
CA ASP D 267 14.35 -37.45 -3.81
C ASP D 267 15.55 -37.54 -2.90
N TRP D 268 15.52 -36.70 -1.88
CA TRP D 268 16.72 -36.47 -1.03
C TRP D 268 16.87 -37.49 0.10
N ASN D 269 15.93 -37.44 1.05
N ASN D 269 15.92 -37.51 1.02
CA ASN D 269 15.74 -38.48 2.04
CA ASN D 269 15.91 -38.52 2.07
C ASN D 269 15.96 -39.90 1.52
C ASN D 269 16.00 -39.94 1.52
N ARG D 270 15.29 -40.21 0.41
CA ARG D 270 15.39 -41.51 -0.26
C ARG D 270 16.79 -41.74 -0.84
N LEU D 271 17.64 -40.72 -0.79
CA LEU D 271 19.07 -40.94 -0.97
C LEU D 271 19.74 -40.76 0.38
N LYS D 272 19.40 -39.67 1.09
CA LYS D 272 20.25 -39.25 2.22
C LYS D 272 20.31 -40.27 3.33
N ASN D 273 20.36 -41.53 2.89
CA ASN D 273 20.78 -42.69 3.70
C ASN D 273 21.78 -43.50 2.88
N HIS D 274 22.24 -42.93 1.76
CA HIS D 274 23.13 -43.69 0.87
C HIS D 274 24.57 -43.78 1.36
N PRO D 275 25.27 -44.88 1.03
CA PRO D 275 26.69 -45.04 1.39
C PRO D 275 27.62 -43.90 1.05
N SER D 276 27.57 -43.38 -0.17
CA SER D 276 28.58 -42.44 -0.63
C SER D 276 28.71 -41.19 0.26
N LEU D 277 27.58 -40.74 0.79
CA LEU D 277 27.59 -39.59 1.69
C LEU D 277 28.64 -39.77 2.78
N ARG D 278 28.83 -41.01 3.19
CA ARG D 278 29.90 -41.38 4.11
C ARG D 278 31.25 -40.71 3.79
N CYS D 279 31.81 -41.09 2.64
CA CYS D 279 33.09 -40.52 2.21
C CYS D 279 32.97 -39.01 1.93
N HIS D 280 31.80 -38.56 1.51
CA HIS D 280 31.50 -37.15 1.44
C HIS D 280 31.62 -36.45 2.79
N GLU D 281 31.16 -37.12 3.85
CA GLU D 281 31.30 -36.59 5.21
C GLU D 281 32.78 -36.51 5.63
N ASP D 282 33.63 -37.29 4.97
CA ASP D 282 35.04 -37.34 5.33
C ASP D 282 35.85 -36.26 4.60
N LEU D 283 35.24 -35.67 3.57
CA LEU D 283 35.92 -34.63 2.83
C LEU D 283 36.03 -33.34 3.63
N PRO D 284 37.14 -32.63 3.41
CA PRO D 284 37.28 -31.32 4.01
C PRO D 284 36.20 -30.37 3.47
N LEU D 285 35.93 -29.32 4.21
CA LEU D 285 34.84 -28.40 3.89
C LEU D 285 34.87 -27.87 2.46
N PHE D 286 36.06 -27.42 2.05
CA PHE D 286 36.29 -26.77 0.77
C PHE D 286 36.18 -27.74 -0.42
N LEU D 287 36.19 -29.02 -0.12
CA LEU D 287 35.86 -30.07 -1.10
C LEU D 287 34.45 -30.61 -0.85
N ARG D 288 34.01 -30.60 0.39
CA ARG D 288 32.67 -31.08 0.75
C ARG D 288 31.61 -30.27 0.04
N CYS D 289 31.93 -29.05 -0.34
CA CYS D 289 30.97 -28.18 -0.99
C CYS D 289 30.62 -28.68 -2.40
N PHE D 290 31.44 -29.60 -2.87
CA PHE D 290 31.25 -30.20 -4.21
C PHE D 290 30.76 -31.64 -4.09
N THR D 291 29.79 -31.84 -3.18
CA THR D 291 29.23 -33.17 -2.92
C THR D 291 27.72 -33.11 -3.09
N VAL D 292 27.07 -34.26 -3.29
CA VAL D 292 25.63 -34.27 -3.51
C VAL D 292 24.84 -33.65 -2.34
N GLY D 293 25.22 -34.00 -1.11
CA GLY D 293 24.53 -33.53 0.06
C GLY D 293 24.57 -32.02 0.23
N TRP D 294 25.73 -31.43 -0.04
CA TRP D 294 25.93 -29.99 0.05
C TRP D 294 25.00 -29.26 -0.93
N ILE D 295 24.91 -29.81 -2.12
CA ILE D 295 24.05 -29.25 -3.17
C ILE D 295 22.57 -29.27 -2.78
N TYR D 296 22.13 -30.39 -2.23
CA TYR D 296 20.71 -30.50 -1.84
C TYR D 296 20.43 -29.60 -0.63
N THR D 297 21.43 -29.42 0.20
CA THR D 297 21.35 -28.51 1.33
C THR D 297 21.09 -27.10 0.79
N ARG D 298 21.87 -26.71 -0.23
CA ARG D 298 21.65 -25.40 -0.85
C ARG D 298 20.24 -25.35 -1.41
N ILE D 299 19.79 -26.46 -1.99
CA ILE D 299 18.42 -26.50 -2.51
C ILE D 299 17.40 -26.22 -1.41
N LEU D 300 17.58 -26.90 -0.28
CA LEU D 300 16.68 -26.67 0.90
C LEU D 300 16.75 -25.24 1.38
N SER D 301 17.92 -24.63 1.26
CA SER D 301 18.08 -23.26 1.71
C SER D 301 17.26 -22.30 0.84
N ARG D 302 17.21 -22.56 -0.46
CA ARG D 302 16.36 -21.74 -1.33
C ARG D 302 14.90 -22.02 -1.01
N PHE D 303 14.61 -23.25 -0.55
CA PHE D 303 13.25 -23.59 -0.23
C PHE D 303 12.75 -22.67 0.85
N VAL D 304 13.62 -22.25 1.75
CA VAL D 304 13.23 -21.32 2.80
C VAL D 304 12.71 -20.02 2.17
N GLU D 305 13.48 -19.49 1.23
CA GLU D 305 13.11 -18.22 0.57
C GLU D 305 11.79 -18.36 -0.18
N ILE D 306 11.58 -19.53 -0.75
CA ILE D 306 10.37 -19.83 -1.49
C ILE D 306 9.16 -19.77 -0.55
N LEU D 307 9.24 -20.55 0.51
CA LEU D 307 8.16 -20.59 1.50
C LEU D 307 7.78 -19.20 1.99
N GLN D 308 8.81 -18.36 2.21
CA GLN D 308 8.57 -17.02 2.75
C GLN D 308 7.94 -16.11 1.74
N ARG D 309 8.46 -16.18 0.53
CA ARG D 309 7.88 -15.40 -0.57
C ARG D 309 6.37 -15.70 -0.72
N LEU D 310 6.00 -16.94 -0.44
CA LEU D 310 4.61 -17.40 -0.52
C LEU D 310 3.87 -17.23 0.79
N HIS D 311 4.55 -16.63 1.77
CA HIS D 311 3.97 -16.35 3.10
C HIS D 311 3.63 -17.64 3.91
N MET D 312 4.25 -18.74 3.50
CA MET D 312 4.06 -20.02 4.19
C MET D 312 5.13 -20.14 5.29
N TYR D 313 4.96 -19.29 6.28
CA TYR D 313 5.95 -19.11 7.32
C TYR D 313 6.18 -20.35 8.16
N GLU D 314 5.11 -21.12 8.34
CA GLU D 314 5.17 -22.31 9.20
C GLU D 314 6.16 -23.29 8.59
N GLU D 315 5.77 -23.84 7.44
CA GLU D 315 6.63 -24.80 6.69
C GLU D 315 8.11 -24.31 6.68
N ALA D 316 8.27 -23.00 6.54
CA ALA D 316 9.56 -22.35 6.50
C ALA D 316 10.30 -22.63 7.78
N VAL D 317 9.60 -22.38 8.89
CA VAL D 317 10.17 -22.68 10.22
C VAL D 317 10.71 -24.13 10.31
N ARG D 318 9.97 -25.09 9.77
CA ARG D 318 10.35 -26.49 9.85
C ARG D 318 11.66 -26.70 9.10
N GLU D 319 11.73 -26.14 7.89
CA GLU D 319 12.95 -26.27 7.09
C GLU D 319 14.16 -25.66 7.77
N LEU D 320 13.96 -24.53 8.46
CA LEU D 320 15.02 -23.88 9.21
C LEU D 320 15.51 -24.76 10.34
N GLU D 321 14.55 -25.40 11.01
CA GLU D 321 14.84 -26.23 12.17
C GLU D 321 15.60 -27.46 11.72
N SER D 322 15.14 -27.99 10.59
CA SER D 322 15.79 -29.12 9.95
C SER D 322 17.24 -28.80 9.60
N LEU D 323 17.44 -27.71 8.87
CA LEU D 323 18.79 -27.30 8.48
C LEU D 323 19.67 -27.12 9.68
N LEU D 324 19.15 -26.48 10.71
CA LEU D 324 19.96 -26.24 11.90
C LEU D 324 20.15 -27.48 12.74
N SER D 325 19.43 -28.57 12.44
CA SER D 325 19.53 -29.78 13.23
C SER D 325 20.75 -30.63 12.80
N GLN D 326 21.24 -30.37 11.60
CA GLN D 326 22.47 -31.01 11.15
C GLN D 326 23.57 -29.97 11.04
N ARG D 327 24.82 -30.41 11.19
CA ARG D 327 25.99 -29.54 11.06
C ARG D 327 26.99 -30.14 10.05
N ILE D 328 26.49 -30.84 9.05
CA ILE D 328 27.38 -31.56 8.14
C ILE D 328 27.68 -30.72 6.88
N TYR D 329 26.65 -30.03 6.42
CA TYR D 329 26.75 -29.25 5.17
C TYR D 329 26.48 -27.77 5.38
N CYS D 330 27.29 -26.96 4.71
CA CYS D 330 27.08 -25.49 4.72
C CYS D 330 27.16 -24.89 6.12
N PRO D 331 28.27 -25.09 6.83
CA PRO D 331 28.44 -24.35 8.09
C PRO D 331 28.36 -22.85 7.87
N ASP D 332 28.85 -22.37 6.73
CA ASP D 332 28.84 -20.94 6.39
C ASP D 332 27.43 -20.36 6.42
N SER D 333 26.43 -21.23 6.24
CA SER D 333 25.06 -20.75 6.12
C SER D 333 24.32 -20.71 7.44
N ARG D 334 24.93 -21.27 8.49
CA ARG D 334 24.33 -21.32 9.82
C ARG D 334 23.86 -19.94 10.30
N GLY D 335 24.72 -18.95 10.10
CA GLY D 335 24.40 -17.58 10.50
C GLY D 335 23.18 -17.03 9.80
N ARG D 336 23.06 -17.34 8.52
CA ARG D 336 21.91 -16.89 7.76
C ARG D 336 20.64 -17.54 8.33
N TRP D 337 20.76 -18.82 8.66
CA TRP D 337 19.61 -19.61 9.08
C TRP D 337 19.01 -19.04 10.36
N TRP D 338 19.80 -19.00 11.42
CA TRP D 338 19.35 -18.46 12.70
C TRP D 338 18.74 -17.08 12.53
N ASP D 339 19.40 -16.22 11.77
CA ASP D 339 18.90 -14.89 11.54
C ASP D 339 17.51 -14.84 10.90
N ARG D 340 17.26 -15.74 9.95
CA ARG D 340 15.93 -15.72 9.30
C ARG D 340 14.88 -16.33 10.27
N LEU D 341 15.33 -17.38 10.94
CA LEU D 341 14.50 -18.15 11.85
C LEU D 341 13.92 -17.31 12.96
N ALA D 342 14.76 -16.52 13.61
CA ALA D 342 14.33 -15.59 14.66
C ALA D 342 13.23 -14.63 14.14
N LEU D 343 13.49 -14.06 12.98
CA LEU D 343 12.53 -13.20 12.34
C LEU D 343 11.20 -13.92 12.11
N ASN D 344 11.26 -15.17 11.69
CA ASN D 344 10.06 -15.93 11.46
C ASN D 344 9.30 -16.18 12.76
N LEU D 345 10.03 -16.51 13.82
CA LEU D 345 9.38 -16.73 15.15
C LEU D 345 8.85 -15.43 15.75
N HIS D 346 9.68 -14.39 15.72
CA HIS D 346 9.36 -13.09 16.31
C HIS D 346 8.25 -12.24 15.73
N GLN D 347 8.20 -12.11 14.40
CA GLN D 347 7.28 -11.10 13.82
C GLN D 347 6.07 -11.49 13.00
N HIS D 348 6.01 -12.74 12.54
CA HIS D 348 4.89 -13.20 11.75
C HIS D 348 4.09 -14.30 12.47
N LEU D 349 4.82 -15.20 13.11
CA LEU D 349 4.21 -16.23 13.97
C LEU D 349 3.95 -15.71 15.38
N LYS D 350 4.84 -14.81 15.83
CA LYS D 350 4.63 -14.04 17.06
C LYS D 350 4.48 -14.95 18.28
N ARG D 351 5.18 -16.08 18.28
CA ARG D 351 5.22 -16.97 19.44
C ARG D 351 6.55 -16.71 20.14
N LEU D 352 6.54 -15.77 21.07
CA LEU D 352 7.74 -15.06 21.47
C LEU D 352 8.80 -15.88 22.20
N GLU D 353 8.37 -16.84 23.02
CA GLU D 353 9.30 -17.53 23.90
C GLU D 353 10.34 -18.39 23.13
N PRO D 354 9.85 -19.23 22.21
CA PRO D 354 10.84 -19.99 21.45
C PRO D 354 11.66 -19.10 20.55
N THR D 355 11.11 -17.95 20.15
CA THR D 355 11.90 -16.89 19.49
C THR D 355 13.09 -16.48 20.35
N ILE D 356 12.88 -16.24 21.64
CA ILE D 356 13.96 -15.85 22.52
C ILE D 356 15.02 -16.96 22.55
N LYS D 357 14.54 -18.19 22.66
CA LYS D 357 15.43 -19.34 22.73
C LYS D 357 16.27 -19.40 21.46
N CYS D 358 15.61 -19.21 20.31
CA CYS D 358 16.27 -19.22 19.01
C CYS D 358 17.39 -18.20 18.90
N ILE D 359 17.11 -16.95 19.29
CA ILE D 359 18.08 -15.87 19.28
C ILE D 359 19.29 -16.21 20.15
N THR D 360 19.00 -16.80 21.30
CA THR D 360 20.05 -17.12 22.25
C THR D 360 20.95 -18.25 21.70
N GLU D 361 20.33 -19.23 21.05
CA GLU D 361 21.08 -20.24 20.32
C GLU D 361 21.94 -19.60 19.22
N GLY D 362 21.32 -18.69 18.49
CA GLY D 362 21.96 -17.95 17.45
C GLY D 362 23.21 -17.27 17.90
N LEU D 363 23.17 -16.56 19.02
CA LEU D 363 24.36 -15.91 19.52
C LEU D 363 25.38 -16.91 20.08
N ALA D 364 24.91 -18.05 20.52
CA ALA D 364 25.70 -19.05 21.20
C ALA D 364 26.54 -19.90 20.24
N ASP D 365 26.06 -19.99 19.00
CA ASP D 365 26.69 -20.82 17.95
C ASP D 365 28.02 -20.22 17.42
N PRO D 366 28.98 -21.10 17.06
CA PRO D 366 30.30 -20.56 16.73
C PRO D 366 30.34 -19.93 15.32
N GLU D 367 29.49 -20.43 14.41
CA GLU D 367 29.71 -20.15 12.99
C GLU D 367 29.06 -18.85 12.54
N VAL D 368 28.36 -18.16 13.43
CA VAL D 368 27.75 -16.90 13.08
C VAL D 368 28.80 -15.80 12.87
N ARG D 369 28.79 -15.21 11.69
CA ARG D 369 29.65 -14.04 11.37
C ARG D 369 29.05 -12.79 11.97
N THR D 370 29.78 -11.69 11.90
CA THR D 370 29.43 -10.47 12.63
C THR D 370 28.12 -9.83 12.20
N GLY D 371 27.83 -9.85 10.90
CA GLY D 371 26.65 -9.19 10.34
C GLY D 371 25.37 -9.74 10.95
N HIS D 372 25.18 -11.06 10.82
CA HIS D 372 24.05 -11.77 11.34
C HIS D 372 24.02 -11.67 12.85
N ARG D 373 25.20 -11.69 13.45
CA ARG D 373 25.30 -11.56 14.90
C ARG D 373 24.63 -10.27 15.38
N LEU D 374 25.00 -9.17 14.72
CA LEU D 374 24.50 -7.85 15.11
C LEU D 374 23.03 -7.78 14.84
N SER D 375 22.60 -8.36 13.73
CA SER D 375 21.19 -8.35 13.36
C SER D 375 20.36 -9.08 14.44
N LEU D 376 20.88 -10.23 14.83
CA LEU D 376 20.23 -10.99 15.90
C LEU D 376 20.15 -10.23 17.20
N TYR D 377 21.23 -9.53 17.53
CA TYR D 377 21.32 -8.68 18.71
C TYR D 377 20.21 -7.63 18.74
N GLN D 378 20.14 -6.85 17.64
CA GLN D 378 19.17 -5.74 17.57
C GLN D 378 17.75 -6.32 17.73
N ARG D 379 17.56 -7.55 17.26
CA ARG D 379 16.29 -8.22 17.44
C ARG D 379 16.05 -8.63 18.91
N ALA D 380 17.15 -8.95 19.60
CA ALA D 380 17.07 -9.35 20.98
C ALA D 380 16.60 -8.20 21.86
N VAL D 381 17.25 -7.03 21.70
CA VAL D 381 16.79 -5.82 22.34
C VAL D 381 15.33 -5.63 21.96
N ARG D 382 15.06 -5.52 20.67
CA ARG D 382 13.71 -5.29 20.19
C ARG D 382 12.59 -6.09 20.87
N LEU D 383 12.81 -7.38 21.07
CA LEU D 383 11.87 -8.22 21.84
C LEU D 383 11.87 -7.88 23.32
N ARG D 384 13.07 -7.55 23.81
CA ARG D 384 13.28 -7.17 25.21
C ARG D 384 12.58 -5.88 25.65
N GLU D 385 12.33 -4.97 24.70
CA GLU D 385 11.75 -3.68 25.05
C GLU D 385 10.37 -3.32 24.51
N SER D 386 9.45 -4.28 24.60
CA SER D 386 8.03 -4.00 24.32
C SER D 386 7.16 -4.55 25.46
N PRO D 387 6.13 -3.81 25.93
CA PRO D 387 5.18 -4.34 26.91
C PRO D 387 4.75 -5.79 26.65
N SER D 388 4.65 -6.19 25.37
CA SER D 388 4.41 -7.59 25.00
C SER D 388 5.37 -8.56 25.69
N CYS D 389 6.64 -8.15 25.85
CA CYS D 389 7.68 -8.92 26.52
C CYS D 389 8.17 -8.29 27.86
N LYS D 390 7.27 -7.67 28.61
CA LYS D 390 7.58 -7.13 29.89
C LYS D 390 7.94 -8.26 30.85
N LYS D 391 7.21 -9.38 30.77
CA LYS D 391 7.40 -10.53 31.64
C LYS D 391 8.72 -11.32 31.38
N PHE D 392 9.05 -11.56 30.12
CA PHE D 392 10.08 -12.52 29.78
C PHE D 392 11.48 -11.95 29.84
N LYS D 393 11.62 -10.83 30.54
CA LYS D 393 12.94 -10.22 30.84
C LYS D 393 13.96 -11.27 31.34
N HIS D 394 13.47 -12.25 32.10
CA HIS D 394 14.31 -13.24 32.76
C HIS D 394 15.00 -14.24 31.80
N LEU D 395 14.55 -14.21 30.55
CA LEU D 395 15.16 -15.06 29.51
C LEU D 395 16.15 -14.29 28.65
N PHE D 396 16.49 -13.07 29.05
CA PHE D 396 17.46 -12.24 28.34
C PHE D 396 18.79 -12.07 29.07
N GLN D 397 19.28 -13.13 29.74
CA GLN D 397 20.27 -12.89 30.75
C GLN D 397 21.69 -13.22 30.27
N GLN D 398 21.77 -14.04 29.23
CA GLN D 398 23.08 -14.39 28.67
C GLN D 398 23.73 -13.21 27.94
N LEU D 399 22.93 -12.19 27.65
CA LEU D 399 23.31 -11.16 26.68
C LEU D 399 24.73 -10.61 26.70
N PRO D 400 25.39 -10.59 25.51
CA PRO D 400 26.67 -9.95 25.29
C PRO D 400 26.57 -8.44 25.26
N GLU D 401 27.71 -7.77 25.36
CA GLU D 401 27.75 -6.32 25.34
C GLU D 401 28.13 -5.89 23.91
N MET D 402 27.41 -6.43 22.94
CA MET D 402 27.85 -6.39 21.55
C MET D 402 27.64 -5.01 20.94
N VAL D 407 29.96 7.06 13.79
CA VAL D 407 29.90 7.25 12.36
C VAL D 407 29.43 8.66 12.03
N LYS D 408 30.04 9.24 11.00
CA LYS D 408 29.94 10.67 10.66
C LYS D 408 29.09 10.91 9.40
N HIS D 409 27.94 11.56 9.52
CA HIS D 409 27.06 11.73 8.36
C HIS D 409 26.94 13.14 7.79
N VAL D 410 26.83 13.22 6.47
CA VAL D 410 26.75 14.50 5.76
C VAL D 410 25.82 14.38 4.55
N THR D 411 25.39 15.52 4.00
CA THR D 411 24.53 15.54 2.81
C THR D 411 24.97 16.51 1.71
N ILE D 412 24.68 16.14 0.46
CA ILE D 412 24.82 17.02 -0.70
C ILE D 412 23.65 16.78 -1.66
N THR D 413 23.40 17.73 -2.56
CA THR D 413 22.37 17.57 -3.57
C THR D 413 22.93 16.93 -4.85
N CYS D 442 23.04 12.24 -12.21
CA CYS D 442 23.41 11.01 -12.92
C CYS D 442 24.05 9.95 -11.98
N SER D 443 25.33 10.14 -11.59
CA SER D 443 26.00 9.19 -10.71
C SER D 443 26.20 9.76 -9.31
N VAL D 444 25.78 9.03 -8.30
CA VAL D 444 25.87 9.57 -6.96
C VAL D 444 27.33 9.53 -6.52
N GLU D 445 28.07 8.52 -6.93
CA GLU D 445 29.47 8.39 -6.54
C GLU D 445 30.26 9.54 -7.18
N GLU D 446 29.98 9.76 -8.46
CA GLU D 446 30.69 10.83 -9.17
C GLU D 446 30.37 12.19 -8.61
N LEU D 447 29.16 12.39 -8.11
CA LEU D 447 28.82 13.67 -7.49
C LEU D 447 29.64 13.84 -6.23
N ALA D 448 29.72 12.78 -5.42
CA ALA D 448 30.56 12.80 -4.22
C ALA D 448 32.00 13.11 -4.56
N LEU D 449 32.54 12.43 -5.56
CA LEU D 449 33.91 12.67 -6.01
C LEU D 449 34.12 14.11 -6.40
N ALA D 450 33.17 14.72 -7.11
CA ALA D 450 33.25 16.13 -7.50
C ALA D 450 33.34 17.07 -6.28
N HIS D 451 32.58 16.71 -5.26
CA HIS D 451 32.55 17.50 -4.04
C HIS D 451 33.88 17.41 -3.29
N TYR D 452 34.45 16.21 -3.23
CA TYR D 452 35.70 16.05 -2.53
C TYR D 452 36.80 16.63 -3.40
N ARG D 453 36.64 16.69 -4.72
CA ARG D 453 37.54 17.48 -5.57
C ARG D 453 37.54 18.95 -5.15
N ARG D 454 36.38 19.42 -4.74
CA ARG D 454 36.28 20.78 -4.22
C ARG D 454 36.90 20.83 -2.82
N SER D 455 36.94 19.69 -2.14
CA SER D 455 37.33 19.65 -0.73
C SER D 455 38.82 19.38 -0.63
N GLY D 456 39.52 19.42 -1.76
CA GLY D 456 40.95 19.25 -1.80
C GLY D 456 41.47 17.84 -2.03
N PHE D 457 40.58 16.90 -2.31
CA PHE D 457 41.00 15.53 -2.48
C PHE D 457 41.05 15.20 -3.93
N ASP D 458 42.22 15.43 -4.53
CA ASP D 458 42.40 15.37 -5.96
C ASP D 458 42.33 13.95 -6.48
N GLN D 459 42.62 12.97 -5.63
CA GLN D 459 42.41 11.56 -6.02
C GLN D 459 41.20 10.93 -5.37
N GLY D 460 40.68 9.89 -6.03
CA GLY D 460 39.52 9.17 -5.53
C GLY D 460 39.33 7.91 -6.35
N ILE D 461 38.78 6.88 -5.70
CA ILE D 461 38.45 5.64 -6.38
C ILE D 461 37.05 5.14 -6.05
N HIS D 462 36.21 4.93 -7.05
CA HIS D 462 34.95 4.23 -6.85
C HIS D 462 35.14 2.78 -7.28
N GLY D 463 35.43 1.91 -6.33
CA GLY D 463 35.70 0.52 -6.68
C GLY D 463 35.13 -0.46 -5.71
N GLU D 464 34.43 0.05 -4.69
CA GLU D 464 33.81 -0.82 -3.67
C GLU D 464 34.82 -1.80 -3.07
N GLY D 465 34.49 -3.08 -3.03
CA GLY D 465 35.29 -4.03 -2.31
C GLY D 465 36.56 -4.37 -3.04
N SER D 466 36.50 -4.36 -4.36
CA SER D 466 37.64 -4.82 -5.16
C SER D 466 38.86 -3.95 -4.93
N THR D 467 38.69 -2.65 -4.67
CA THR D 467 39.84 -1.78 -4.38
C THR D 467 40.70 -2.38 -3.27
N PHE D 468 40.08 -2.55 -2.09
CA PHE D 468 40.79 -3.04 -0.91
C PHE D 468 41.22 -4.48 -1.11
N SER D 469 40.36 -5.29 -1.71
CA SER D 469 40.68 -6.69 -1.89
C SER D 469 41.87 -6.81 -2.82
N THR D 470 41.92 -5.89 -3.77
CA THR D 470 43.05 -5.79 -4.70
C THR D 470 44.35 -5.49 -3.93
N LEU D 471 44.29 -4.58 -2.94
CA LEU D 471 45.46 -4.32 -2.13
C LEU D 471 45.85 -5.58 -1.35
N TYR D 472 44.87 -6.31 -0.83
CA TYR D 472 45.11 -7.57 -0.15
C TYR D 472 45.88 -8.54 -1.05
N GLY D 473 45.39 -8.64 -2.28
CA GLY D 473 45.99 -9.54 -3.27
C GLY D 473 47.43 -9.14 -3.58
N LEU D 474 47.66 -7.84 -3.71
CA LEU D 474 48.99 -7.30 -3.98
C LEU D 474 49.97 -7.44 -2.82
N LEU D 475 49.46 -7.49 -1.60
CA LEU D 475 50.33 -7.60 -0.42
C LEU D 475 50.57 -9.05 -0.02
N LEU D 476 49.72 -9.97 -0.48
CA LEU D 476 49.84 -11.33 0.07
C LEU D 476 49.85 -12.42 -0.98
N TRP D 477 50.13 -12.02 -2.21
CA TRP D 477 50.12 -12.92 -3.35
C TRP D 477 50.81 -14.28 -3.11
N ASP D 478 52.04 -14.23 -2.63
CA ASP D 478 52.84 -15.45 -2.53
C ASP D 478 52.35 -16.37 -1.42
N ILE D 479 51.58 -15.82 -0.51
CA ILE D 479 50.97 -16.63 0.55
C ILE D 479 49.65 -17.24 0.04
N ILE D 480 48.82 -16.40 -0.60
CA ILE D 480 47.59 -16.89 -1.23
C ILE D 480 47.92 -18.08 -2.15
N PHE D 481 49.06 -18.01 -2.81
CA PHE D 481 49.41 -19.06 -3.76
C PHE D 481 50.54 -19.98 -3.33
N MET D 482 50.86 -19.99 -2.04
CA MET D 482 51.96 -20.79 -1.53
C MET D 482 51.76 -22.30 -1.67
N ASP D 483 52.87 -23.04 -1.83
CA ASP D 483 52.84 -24.50 -1.93
C ASP D 483 52.74 -25.16 -0.56
N GLY D 484 52.26 -26.40 -0.53
CA GLY D 484 52.24 -27.16 0.69
C GLY D 484 50.87 -27.30 1.34
N ILE D 485 49.84 -26.77 0.68
CA ILE D 485 48.48 -26.93 1.21
C ILE D 485 47.69 -27.88 0.31
N PRO D 486 47.49 -29.14 0.75
CA PRO D 486 46.98 -30.15 -0.17
C PRO D 486 45.55 -29.86 -0.63
N ASP D 487 45.29 -30.05 -1.92
CA ASP D 487 43.97 -30.00 -2.54
C ASP D 487 43.38 -28.60 -2.82
N VAL D 488 44.11 -27.54 -2.52
CA VAL D 488 43.59 -26.20 -2.78
C VAL D 488 43.88 -25.80 -4.22
N PHE D 489 44.85 -26.47 -4.82
CA PHE D 489 45.11 -26.30 -6.26
C PHE D 489 44.94 -27.65 -6.95
N ARG D 490 43.92 -27.79 -7.79
CA ARG D 490 43.59 -29.08 -8.37
C ARG D 490 43.84 -29.15 -9.88
N ASN D 491 43.76 -27.99 -10.53
CA ASN D 491 44.22 -27.87 -11.91
C ASN D 491 44.81 -26.49 -12.15
N ALA D 492 45.34 -26.27 -13.35
CA ALA D 492 46.05 -25.02 -13.66
C ALA D 492 45.13 -23.88 -14.11
N CYS D 493 43.83 -24.05 -13.94
CA CYS D 493 42.87 -23.02 -14.32
C CYS D 493 42.04 -22.49 -13.14
N GLN D 494 42.67 -22.29 -12.01
CA GLN D 494 41.97 -21.70 -10.88
C GLN D 494 42.37 -20.27 -10.65
N ALA D 495 41.41 -19.46 -10.22
CA ALA D 495 41.67 -18.06 -9.90
C ALA D 495 42.07 -17.88 -8.44
N PHE D 496 41.89 -18.92 -7.63
CA PHE D 496 42.15 -18.83 -6.20
C PHE D 496 42.18 -20.20 -5.54
N PRO D 497 42.90 -20.33 -4.41
CA PRO D 497 42.97 -21.62 -3.76
C PRO D 497 41.60 -21.97 -3.17
N LEU D 498 41.28 -23.26 -3.16
CA LEU D 498 39.90 -23.66 -2.95
C LEU D 498 39.38 -23.39 -1.56
N ASP D 499 40.28 -23.10 -0.62
CA ASP D 499 39.86 -22.95 0.75
C ASP D 499 39.71 -21.46 1.09
N LEU D 500 39.80 -20.63 0.05
CA LEU D 500 39.79 -19.19 0.21
C LEU D 500 38.67 -18.67 1.13
N CYS D 501 37.44 -19.13 0.95
CA CYS D 501 36.32 -18.56 1.69
C CYS D 501 35.98 -19.41 2.89
N THR D 502 37.01 -20.03 3.47
CA THR D 502 36.76 -20.76 4.70
C THR D 502 37.79 -20.37 5.77
N ASP D 503 37.44 -20.55 7.02
CA ASP D 503 38.37 -20.21 8.09
C ASP D 503 39.64 -21.01 8.00
N SER D 504 39.59 -22.17 7.39
CA SER D 504 40.75 -23.03 7.26
C SER D 504 41.82 -22.46 6.32
N PHE D 505 41.46 -21.44 5.54
CA PHE D 505 42.47 -20.72 4.74
C PHE D 505 43.52 -20.13 5.68
N PHE D 506 43.01 -19.39 6.68
CA PHE D 506 43.85 -18.67 7.63
C PHE D 506 44.56 -19.63 8.58
N THR D 507 43.83 -20.61 9.10
CA THR D 507 44.40 -21.59 9.98
C THR D 507 45.47 -22.43 9.27
N SER D 508 45.29 -22.61 7.98
CA SER D 508 46.25 -23.39 7.21
C SER D 508 47.47 -22.58 6.79
N ARG D 509 47.41 -21.26 6.89
CA ARG D 509 48.51 -20.43 6.42
C ARG D 509 48.95 -19.44 7.50
N ARG D 510 48.66 -19.79 8.75
CA ARG D 510 48.85 -18.91 9.88
C ARG D 510 50.29 -18.39 10.06
N PRO D 511 51.33 -19.25 10.03
CA PRO D 511 52.63 -18.70 10.34
C PRO D 511 53.09 -17.59 9.38
N ALA D 512 52.90 -17.84 8.09
CA ALA D 512 53.31 -16.86 7.06
C ALA D 512 52.44 -15.61 7.15
N LEU D 513 51.16 -15.83 7.43
CA LEU D 513 50.19 -14.77 7.53
C LEU D 513 50.50 -13.89 8.74
N GLU D 514 50.67 -14.53 9.88
CA GLU D 514 50.78 -13.76 11.12
C GLU D 514 52.06 -12.93 11.02
N ALA D 515 53.17 -13.53 10.59
CA ALA D 515 54.44 -12.84 10.56
C ALA D 515 54.47 -11.74 9.51
N ARG D 516 53.76 -11.95 8.41
CA ARG D 516 53.83 -10.94 7.32
C ARG D 516 52.91 -9.74 7.57
N LEU D 517 51.73 -10.02 8.14
CA LEU D 517 50.80 -8.96 8.55
C LEU D 517 51.37 -8.08 9.66
N GLN D 518 52.08 -8.67 10.63
CA GLN D 518 52.89 -7.92 11.63
C GLN D 518 53.98 -7.11 10.93
N LEU D 519 54.57 -7.69 9.90
CA LEU D 519 55.52 -7.04 9.04
C LEU D 519 54.92 -5.85 8.28
N ILE D 520 53.61 -5.88 8.07
CA ILE D 520 52.91 -4.83 7.34
C ILE D 520 52.59 -3.67 8.27
N HIS D 521 52.01 -4.01 9.42
CA HIS D 521 51.63 -3.05 10.43
C HIS D 521 52.79 -2.09 10.79
N ASP D 522 54.01 -2.61 10.88
CA ASP D 522 55.22 -1.85 11.26
C ASP D 522 56.01 -1.35 10.07
N ALA D 523 55.65 -1.82 8.87
CA ALA D 523 56.43 -1.52 7.68
C ALA D 523 56.41 -0.01 7.41
N PRO D 524 57.56 0.52 6.99
CA PRO D 524 57.58 1.92 6.55
C PRO D 524 56.89 2.08 5.18
N GLU D 525 56.45 3.31 4.90
CA GLU D 525 55.68 3.63 3.71
C GLU D 525 56.28 3.04 2.45
N GLU D 526 57.58 3.28 2.26
CA GLU D 526 58.25 2.87 1.03
C GLU D 526 58.34 1.35 0.89
N SER D 527 58.47 0.64 1.99
CA SER D 527 58.39 -0.79 1.96
C SER D 527 57.07 -1.30 1.36
N LEU D 528 55.96 -0.73 1.83
CA LEU D 528 54.65 -1.01 1.24
C LEU D 528 54.65 -0.69 -0.26
N ARG D 529 55.16 0.50 -0.61
CA ARG D 529 55.26 0.91 -1.97
C ARG D 529 56.07 -0.11 -2.79
N ALA D 530 57.16 -0.60 -2.21
CA ALA D 530 58.09 -1.54 -2.88
C ALA D 530 57.50 -2.93 -3.14
N TRP D 531 56.89 -3.49 -2.11
CA TRP D 531 56.13 -4.72 -2.23
C TRP D 531 55.01 -4.61 -3.27
N VAL D 532 54.27 -3.51 -3.26
CA VAL D 532 53.18 -3.31 -4.22
C VAL D 532 53.75 -3.34 -5.65
N ALA D 533 54.85 -2.63 -5.85
CA ALA D 533 55.53 -2.57 -7.15
C ALA D 533 56.02 -3.96 -7.59
N ALA D 534 56.50 -4.72 -6.62
CA ALA D 534 57.01 -6.06 -6.93
C ALA D 534 55.88 -6.92 -7.51
N THR D 535 54.79 -7.08 -6.75
CA THR D 535 53.62 -7.81 -7.20
C THR D 535 53.09 -7.24 -8.52
N TRP D 536 52.94 -5.93 -8.60
CA TRP D 536 52.46 -5.32 -9.82
C TRP D 536 53.32 -5.73 -11.02
N HIS D 537 54.63 -5.58 -10.89
CA HIS D 537 55.56 -5.93 -11.94
C HIS D 537 55.52 -7.42 -12.29
N GLU D 538 55.42 -8.28 -11.30
CA GLU D 538 55.50 -9.70 -11.56
C GLU D 538 54.18 -10.37 -12.00
N GLN D 539 53.05 -9.72 -11.77
CA GLN D 539 51.76 -10.35 -11.84
C GLN D 539 50.73 -9.63 -12.71
N GLU D 540 51.04 -8.43 -13.22
CA GLU D 540 50.02 -7.63 -13.88
C GLU D 540 49.39 -8.36 -15.09
N GLY D 541 48.07 -8.36 -15.12
CA GLY D 541 47.34 -8.86 -16.29
C GLY D 541 46.72 -10.23 -16.10
N ARG D 542 47.39 -11.09 -15.33
CA ARG D 542 46.88 -12.44 -15.09
C ARG D 542 45.63 -12.42 -14.21
N VAL D 543 44.84 -13.48 -14.27
CA VAL D 543 43.60 -13.54 -13.53
C VAL D 543 43.79 -14.05 -12.13
N ALA D 544 43.62 -13.13 -11.18
CA ALA D 544 43.54 -13.47 -9.77
C ALA D 544 42.26 -12.84 -9.32
N SER D 545 41.40 -13.62 -8.70
CA SER D 545 40.06 -13.15 -8.36
C SER D 545 40.08 -11.95 -7.41
N LEU D 546 41.11 -11.89 -6.56
CA LEU D 546 41.27 -10.81 -5.60
C LEU D 546 41.67 -9.50 -6.22
N VAL D 547 42.37 -9.59 -7.35
CA VAL D 547 42.96 -8.40 -7.99
C VAL D 547 42.20 -8.00 -9.25
N SER D 548 41.73 -6.75 -9.26
CA SER D 548 41.26 -6.12 -10.51
C SER D 548 42.35 -5.21 -11.09
N TRP D 549 42.93 -5.65 -12.19
CA TRP D 549 44.09 -4.99 -12.73
C TRP D 549 43.73 -3.65 -13.33
N ASP D 550 42.45 -3.32 -13.34
CA ASP D 550 42.02 -2.05 -13.93
C ASP D 550 41.36 -1.14 -12.89
N ARG D 551 41.27 -1.65 -11.67
CA ARG D 551 40.75 -0.83 -10.58
C ARG D 551 41.56 0.44 -10.38
N PHE D 552 42.89 0.32 -10.42
CA PHE D 552 43.76 1.50 -10.32
C PHE D 552 44.12 1.98 -11.71
N THR D 553 44.32 3.28 -11.85
CA THR D 553 44.71 3.87 -13.12
C THR D 553 46.17 3.53 -13.46
N SER D 554 46.95 3.21 -12.40
CA SER D 554 48.41 3.04 -12.55
C SER D 554 49.03 2.58 -11.27
N LEU D 555 50.23 1.99 -11.38
CA LEU D 555 50.95 1.53 -10.19
C LEU D 555 51.19 2.67 -9.23
N GLN D 556 51.44 3.85 -9.80
CA GLN D 556 51.80 5.02 -9.04
C GLN D 556 50.63 5.45 -8.14
N GLN D 557 49.43 5.41 -8.69
CA GLN D 557 48.24 5.73 -7.92
C GLN D 557 48.15 4.75 -6.74
N ALA D 558 48.38 3.48 -7.00
CA ALA D 558 48.32 2.48 -5.95
C ALA D 558 49.40 2.74 -4.91
N GLN D 559 50.59 3.16 -5.34
CA GLN D 559 51.65 3.47 -4.41
C GLN D 559 51.25 4.67 -3.56
N ASP D 560 50.69 5.69 -4.20
CA ASP D 560 50.25 6.84 -3.43
C ASP D 560 49.16 6.46 -2.41
N LEU D 561 48.29 5.53 -2.77
CA LEU D 561 47.24 5.17 -1.85
C LEU D 561 47.79 4.39 -0.67
N VAL D 562 48.66 3.43 -0.92
CA VAL D 562 49.21 2.68 0.21
C VAL D 562 49.99 3.62 1.13
N SER D 563 50.63 4.64 0.56
CA SER D 563 51.34 5.64 1.39
C SER D 563 50.39 6.40 2.32
N CYS D 564 49.19 6.75 1.83
CA CYS D 564 48.22 7.48 2.62
C CYS D 564 47.59 6.58 3.69
N LEU D 565 47.29 5.34 3.33
CA LEU D 565 46.64 4.46 4.29
C LEU D 565 47.59 4.09 5.42
N GLY D 566 48.85 3.85 5.07
CA GLY D 566 49.86 3.55 6.08
C GLY D 566 49.80 2.09 6.49
N GLY D 567 50.75 1.69 7.32
CA GLY D 567 50.93 0.30 7.66
C GLY D 567 49.86 -0.34 8.54
N PRO D 568 49.48 0.36 9.67
CA PRO D 568 48.49 -0.24 10.57
C PRO D 568 47.12 -0.45 9.95
N VAL D 569 46.61 0.56 9.22
CA VAL D 569 45.33 0.45 8.51
C VAL D 569 45.33 -0.70 7.51
N LEU D 570 46.32 -0.70 6.62
CA LEU D 570 46.54 -1.80 5.69
C LEU D 570 46.55 -3.16 6.38
N SER D 571 47.25 -3.23 7.51
CA SER D 571 47.31 -4.45 8.30
C SER D 571 45.90 -4.89 8.70
N GLY D 572 45.12 -3.91 9.14
CA GLY D 572 43.79 -4.19 9.61
C GLY D 572 42.92 -4.71 8.50
N VAL D 573 43.03 -4.12 7.32
CA VAL D 573 42.20 -4.48 6.17
C VAL D 573 42.60 -5.89 5.70
N CYS D 574 43.91 -6.09 5.53
CA CYS D 574 44.36 -7.40 5.09
C CYS D 574 43.95 -8.51 6.06
N ARG D 575 43.90 -8.20 7.35
CA ARG D 575 43.49 -9.16 8.35
C ARG D 575 42.05 -9.64 8.13
N HIS D 576 41.17 -8.65 7.95
CA HIS D 576 39.76 -8.89 7.73
C HIS D 576 39.54 -9.72 6.48
N LEU D 577 40.19 -9.33 5.37
CA LEU D 577 40.06 -10.05 4.11
C LEU D 577 40.57 -11.51 4.18
N ALA D 578 41.71 -11.68 4.84
CA ALA D 578 42.26 -13.02 5.02
C ALA D 578 41.42 -13.88 5.93
N ALA D 579 40.81 -13.26 6.95
CA ALA D 579 40.02 -14.02 7.92
C ALA D 579 38.67 -14.41 7.30
N ASP D 580 38.15 -13.48 6.51
CA ASP D 580 36.82 -13.62 5.95
C ASP D 580 36.51 -12.78 4.74
N PHE D 581 36.98 -13.20 3.57
CA PHE D 581 36.64 -12.55 2.30
C PHE D 581 35.14 -12.38 2.00
N ARG D 582 34.39 -13.48 2.09
CA ARG D 582 32.96 -13.43 1.72
C ARG D 582 32.14 -12.25 2.26
N HIS D 583 32.57 -11.76 3.42
CA HIS D 583 31.85 -10.76 4.16
C HIS D 583 32.63 -9.45 4.23
N CYS D 584 33.95 -9.54 4.23
CA CYS D 584 34.75 -8.33 4.07
C CYS D 584 34.50 -7.67 2.72
N ARG D 585 34.46 -8.47 1.66
CA ARG D 585 34.20 -7.94 0.34
C ARG D 585 32.87 -7.16 0.27
N GLY D 586 31.88 -7.68 0.99
CA GLY D 586 30.53 -7.14 0.96
C GLY D 586 30.39 -5.95 1.89
N GLY D 587 31.39 -5.72 2.72
CA GLY D 587 31.25 -4.68 3.73
C GLY D 587 31.88 -3.36 3.36
N LEU D 588 32.73 -3.34 2.33
CA LEU D 588 33.58 -2.19 2.09
C LEU D 588 32.86 -0.98 1.48
N PRO D 589 33.14 0.24 1.99
CA PRO D 589 32.57 1.47 1.43
C PRO D 589 32.88 1.63 -0.07
N ALA D 590 31.89 2.18 -0.76
CA ALA D 590 32.00 2.41 -2.21
C ALA D 590 33.27 3.17 -2.57
N LEU D 591 33.64 4.16 -1.75
CA LEU D 591 34.61 5.16 -2.16
C LEU D 591 35.84 5.28 -1.28
N VAL D 592 36.89 5.84 -1.89
CA VAL D 592 38.07 6.25 -1.14
C VAL D 592 38.71 7.46 -1.80
N VAL D 593 38.84 8.56 -1.07
CA VAL D 593 39.37 9.78 -1.64
C VAL D 593 40.58 10.30 -0.87
N TRP D 594 41.52 10.90 -1.61
CA TRP D 594 42.70 11.41 -0.96
C TRP D 594 43.41 12.55 -1.66
N ASN D 595 44.12 13.34 -0.86
CA ASN D 595 45.00 14.39 -1.34
C ASN D 595 46.39 13.84 -1.54
N SER D 596 46.86 13.87 -2.78
CA SER D 596 48.15 13.30 -3.17
C SER D 596 49.34 14.00 -2.51
N GLN D 597 49.17 15.25 -2.07
CA GLN D 597 50.23 15.95 -1.38
C GLN D 597 50.25 15.61 0.12
N SER D 598 49.15 15.86 0.80
CA SER D 598 49.14 15.75 2.24
C SER D 598 48.95 14.29 2.73
N ARG D 599 48.49 13.43 1.81
CA ARG D 599 48.18 12.03 2.17
C ARG D 599 47.03 11.90 3.17
N HIS D 600 46.35 13.02 3.46
CA HIS D 600 45.09 12.95 4.16
C HIS D 600 44.03 12.26 3.28
N PHE D 601 43.36 11.26 3.83
CA PHE D 601 42.33 10.54 3.10
C PHE D 601 41.07 10.45 3.94
N LYS D 602 39.95 10.17 3.26
CA LYS D 602 38.69 9.78 3.89
C LYS D 602 38.10 8.59 3.16
N LEU D 603 37.55 7.64 3.91
CA LEU D 603 36.83 6.51 3.29
C LEU D 603 35.34 6.84 3.34
N VAL D 604 34.71 6.93 2.17
CA VAL D 604 33.34 7.43 2.14
C VAL D 604 32.36 6.38 1.61
N GLU D 605 31.30 6.19 2.38
CA GLU D 605 30.16 5.42 1.90
C GLU D 605 29.10 6.37 1.35
N VAL D 606 28.59 6.07 0.15
CA VAL D 606 27.68 6.97 -0.55
C VAL D 606 26.25 6.39 -0.51
N LYS D 607 25.26 7.22 -0.15
CA LYS D 607 23.88 6.77 -0.19
C LYS D 607 22.95 7.77 -0.82
N GLY D 608 22.38 7.43 -1.97
CA GLY D 608 21.33 8.25 -2.58
C GLY D 608 19.97 8.06 -1.91
N PRO D 609 18.91 8.71 -2.46
CA PRO D 609 17.53 8.49 -1.97
C PRO D 609 17.20 7.00 -2.03
N ASN D 610 16.51 6.50 -1.01
CA ASN D 610 16.16 5.07 -0.94
C ASN D 610 17.36 4.09 -0.88
N ASP D 611 18.50 4.58 -0.42
CA ASP D 611 19.66 3.76 -0.25
C ASP D 611 20.08 3.83 1.19
N ARG D 612 20.23 2.67 1.82
CA ARG D 612 20.47 2.66 3.27
C ARG D 612 21.68 1.85 3.70
N LEU D 613 22.30 2.24 4.83
CA LEU D 613 23.41 1.46 5.37
C LEU D 613 22.97 0.07 5.76
N SER D 614 23.67 -0.94 5.24
CA SER D 614 23.44 -2.30 5.70
C SER D 614 24.20 -2.51 7.02
N HIS D 615 23.91 -3.58 7.74
CA HIS D 615 24.61 -3.92 8.96
C HIS D 615 26.12 -4.15 8.72
N LYS D 616 26.43 -4.88 7.67
CA LYS D 616 27.82 -5.14 7.26
C LYS D 616 28.58 -3.84 7.06
N GLN D 617 27.97 -2.91 6.33
CA GLN D 617 28.56 -1.63 6.06
C GLN D 617 28.78 -0.84 7.35
N MET D 618 27.84 -0.91 8.29
CA MET D 618 28.02 -0.22 9.56
C MET D 618 29.18 -0.83 10.35
N ILE D 619 29.30 -2.16 10.34
CA ILE D 619 30.39 -2.80 11.06
C ILE D 619 31.73 -2.33 10.50
N TRP D 620 31.85 -2.29 9.18
CA TRP D 620 33.15 -1.94 8.56
C TRP D 620 33.49 -0.47 8.67
N LEU D 621 32.48 0.40 8.76
CA LEU D 621 32.77 1.80 9.01
C LEU D 621 33.42 1.95 10.40
N ALA D 622 32.84 1.25 11.38
CA ALA D 622 33.38 1.20 12.73
C ALA D 622 34.81 0.61 12.72
N GLU D 623 34.98 -0.54 12.06
CA GLU D 623 36.29 -1.17 12.05
C GLU D 623 37.36 -0.25 11.46
N LEU D 624 37.04 0.40 10.35
CA LEU D 624 38.00 1.28 9.69
C LEU D 624 38.26 2.45 10.61
N GLN D 625 37.20 2.96 11.26
CA GLN D 625 37.40 4.05 12.19
C GLN D 625 38.35 3.66 13.33
N LYS D 626 38.24 2.41 13.77
CA LYS D 626 39.11 1.89 14.83
C LYS D 626 40.56 1.86 14.45
N LEU D 627 40.84 1.62 13.18
CA LEU D 627 42.20 1.56 12.66
C LEU D 627 42.76 2.96 12.51
N GLY D 628 41.99 3.97 12.88
CA GLY D 628 42.43 5.36 12.74
C GLY D 628 42.09 5.99 11.39
N ALA D 629 41.58 5.20 10.45
CA ALA D 629 41.12 5.75 9.18
C ALA D 629 39.87 6.58 9.38
N GLU D 630 39.80 7.72 8.71
CA GLU D 630 38.67 8.60 8.91
C GLU D 630 37.54 8.22 7.95
N VAL D 631 36.35 7.98 8.50
CA VAL D 631 35.24 7.52 7.68
C VAL D 631 34.08 8.51 7.69
N GLU D 632 33.33 8.52 6.60
CA GLU D 632 32.23 9.43 6.44
C GLU D 632 31.11 8.80 5.58
N VAL D 633 29.86 9.15 5.89
CA VAL D 633 28.70 8.68 5.11
C VAL D 633 28.10 9.87 4.37
N CYS D 634 28.13 9.82 3.03
CA CYS D 634 27.62 10.93 2.24
C CYS D 634 26.28 10.62 1.60
N HIS D 635 25.24 11.33 2.04
CA HIS D 635 23.92 11.17 1.42
C HIS D 635 23.68 12.20 0.30
N VAL D 636 23.30 11.70 -0.86
CA VAL D 636 22.90 12.56 -1.94
C VAL D 636 21.38 12.71 -1.89
N VAL D 637 20.92 13.96 -1.86
CA VAL D 637 19.49 14.24 -1.79
C VAL D 637 18.95 14.58 -3.18
N ALA D 638 17.70 14.21 -3.48
CA ALA D 638 17.19 14.27 -4.83
C ALA D 638 17.22 15.69 -5.35
N GLU E 1 -18.48 -12.76 -5.63
CA GLU E 1 -17.87 -12.81 -6.98
C GLU E 1 -17.83 -11.44 -7.63
N PHE E 2 -18.97 -10.76 -7.61
CA PHE E 2 -19.05 -9.37 -8.01
C PHE E 2 -19.66 -8.64 -6.80
N PRO E 3 -18.77 -8.13 -5.96
CA PRO E 3 -19.08 -7.60 -4.63
C PRO E 3 -19.96 -6.36 -4.63
N TYR E 4 -20.67 -6.15 -3.52
CA TYR E 4 -21.66 -5.07 -3.45
C TYR E 4 -21.06 -3.68 -3.71
N TYR E 5 -19.91 -3.39 -3.13
CA TYR E 5 -19.39 -2.03 -3.20
C TYR E 5 -19.00 -1.69 -4.64
N LEU E 6 -18.58 -2.69 -5.40
CA LEU E 6 -18.26 -2.43 -6.80
C LEU E 6 -19.51 -2.26 -7.61
N ARG E 7 -20.54 -3.07 -7.33
CA ARG E 7 -21.88 -2.82 -7.90
C ARG E 7 -22.32 -1.36 -7.65
N SER E 8 -22.33 -0.96 -6.38
CA SER E 8 -22.69 0.38 -6.00
C SER E 8 -21.90 1.47 -6.76
N PHE E 9 -20.57 1.39 -6.73
CA PHE E 9 -19.68 2.40 -7.36
C PHE E 9 -19.92 2.45 -8.86
N LEU E 10 -20.11 1.28 -9.47
CA LEU E 10 -20.43 1.25 -10.90
C LEU E 10 -21.77 1.87 -11.24
N VAL E 11 -22.76 1.75 -10.35
CA VAL E 11 -24.04 2.46 -10.57
C VAL E 11 -23.83 3.98 -10.58
N VAL E 12 -23.10 4.47 -9.58
CA VAL E 12 -22.91 5.93 -9.44
C VAL E 12 -22.14 6.40 -10.67
N LEU E 13 -21.03 5.73 -11.00
CA LEU E 13 -20.24 6.24 -12.13
C LEU E 13 -21.08 6.16 -13.45
N LYS E 14 -21.86 5.10 -13.61
CA LYS E 14 -22.58 5.01 -14.86
C LYS E 14 -23.67 6.07 -14.98
N THR E 15 -24.44 6.26 -13.91
CA THR E 15 -25.48 7.24 -13.86
C THR E 15 -24.89 8.57 -14.31
N VAL E 16 -23.74 8.93 -13.77
CA VAL E 16 -23.07 10.17 -14.18
C VAL E 16 -22.69 10.14 -15.66
N LEU E 17 -22.07 9.06 -16.11
CA LEU E 17 -21.55 8.99 -17.49
C LEU E 17 -22.69 9.20 -18.50
N GLU E 18 -23.87 8.67 -18.15
CA GLU E 18 -25.00 8.64 -19.09
C GLU E 18 -25.53 10.03 -19.40
N ASN E 19 -25.34 10.98 -18.48
CA ASN E 19 -25.67 12.39 -18.78
C ASN E 19 -24.50 13.17 -19.41
N GLU E 20 -24.61 13.44 -20.70
CA GLU E 20 -23.51 14.00 -21.45
C GLU E 20 -23.15 15.46 -21.04
N ASP E 21 -24.15 16.24 -20.69
CA ASP E 21 -23.92 17.67 -20.50
C ASP E 21 -23.15 17.93 -19.22
N ASP E 22 -23.42 17.13 -18.20
CA ASP E 22 -22.59 17.16 -16.98
C ASP E 22 -21.18 16.65 -17.32
N MET E 23 -21.09 15.65 -18.18
CA MET E 23 -19.82 15.13 -18.63
C MET E 23 -18.97 16.17 -19.38
N LEU E 24 -19.61 17.18 -19.92
CA LEU E 24 -18.91 18.25 -20.63
C LEU E 24 -18.09 19.12 -19.68
N LEU E 25 -18.17 18.80 -18.41
CA LEU E 25 -17.59 19.63 -17.37
C LEU E 25 -16.27 18.98 -16.94
N PHE E 26 -15.81 17.99 -17.71
CA PHE E 26 -14.49 17.42 -17.45
C PHE E 26 -13.59 17.46 -18.65
N ASP E 27 -12.30 17.63 -18.39
CA ASP E 27 -11.30 17.66 -19.47
C ASP E 27 -10.88 16.26 -19.91
N GLU E 28 -10.09 16.18 -20.97
CA GLU E 28 -9.79 14.88 -21.59
C GLU E 28 -8.98 13.94 -20.71
N GLN E 29 -8.03 14.49 -19.97
CA GLN E 29 -7.07 13.61 -19.27
C GLN E 29 -7.79 12.87 -18.14
N GLU E 30 -8.73 13.57 -17.53
CA GLU E 30 -9.51 13.02 -16.42
C GLU E 30 -10.44 11.92 -16.96
N LYS E 31 -11.17 12.21 -18.04
CA LYS E 31 -12.01 11.18 -18.65
C LYS E 31 -11.16 9.98 -19.07
N GLY E 32 -9.96 10.24 -19.60
CA GLY E 32 -8.99 9.20 -19.96
C GLY E 32 -8.64 8.27 -18.80
N ILE E 33 -8.64 8.85 -17.63
CA ILE E 33 -8.34 8.12 -16.42
C ILE E 33 -9.48 7.16 -16.09
N VAL E 34 -10.70 7.67 -16.23
CA VAL E 34 -11.85 6.86 -15.96
C VAL E 34 -11.97 5.80 -17.01
N THR E 35 -11.66 6.12 -18.27
CA THR E 35 -11.56 5.10 -19.29
C THR E 35 -10.62 3.99 -18.87
N LYS E 36 -9.43 4.38 -18.39
CA LYS E 36 -8.43 3.38 -17.99
C LYS E 36 -8.95 2.50 -16.86
N PHE E 37 -9.70 3.11 -15.97
CA PHE E 37 -10.28 2.36 -14.85
C PHE E 37 -11.22 1.31 -15.41
N TYR E 38 -12.05 1.72 -16.37
CA TYR E 38 -13.01 0.82 -16.98
C TYR E 38 -12.29 -0.34 -17.70
N GLN E 39 -11.11 -0.05 -18.24
CA GLN E 39 -10.34 -1.10 -18.90
C GLN E 39 -9.62 -2.08 -17.96
N LEU E 40 -9.68 -1.82 -16.67
CA LEU E 40 -8.87 -2.59 -15.75
C LEU E 40 -9.54 -3.91 -15.49
N SER E 41 -8.73 -4.88 -15.11
CA SER E 41 -9.24 -6.14 -14.60
C SER E 41 -10.28 -5.93 -13.50
N ALA E 42 -11.04 -6.99 -13.17
CA ALA E 42 -12.04 -6.85 -12.12
C ALA E 42 -11.39 -6.71 -10.75
N THR E 43 -10.35 -7.49 -10.52
CA THR E 43 -9.62 -7.44 -9.29
C THR E 43 -9.04 -6.05 -9.12
N GLY E 44 -8.58 -5.44 -10.22
CA GLY E 44 -8.07 -4.08 -10.17
C GLY E 44 -9.08 -3.02 -9.72
N GLN E 45 -10.28 -3.15 -10.26
CA GLN E 45 -11.28 -2.13 -9.96
C GLN E 45 -11.74 -2.33 -8.52
N LYS E 46 -11.85 -3.58 -8.08
CA LYS E 46 -12.34 -3.91 -6.76
C LYS E 46 -11.39 -3.23 -5.77
N LEU E 47 -10.09 -3.43 -5.99
CA LEU E 47 -9.06 -2.86 -5.11
C LEU E 47 -9.14 -1.33 -5.06
N TYR E 48 -9.28 -0.69 -6.23
CA TYR E 48 -9.35 0.75 -6.21
C TYR E 48 -10.51 1.21 -5.35
N VAL E 49 -11.70 0.67 -5.58
CA VAL E 49 -12.84 1.08 -4.75
C VAL E 49 -12.61 0.78 -3.25
N ARG E 50 -12.07 -0.40 -2.93
CA ARG E 50 -11.84 -0.69 -1.51
C ARG E 50 -10.86 0.26 -0.88
N LEU E 51 -9.96 0.84 -1.70
CA LEU E 51 -8.99 1.78 -1.16
C LEU E 51 -9.58 3.18 -1.12
N PHE E 52 -10.45 3.47 -2.08
CA PHE E 52 -11.06 4.76 -2.25
C PHE E 52 -11.89 5.24 -1.04
N GLN E 53 -12.75 4.40 -0.44
CA GLN E 53 -13.48 4.85 0.73
C GLN E 53 -12.59 4.94 1.97
N ARG E 54 -11.43 4.30 1.93
CA ARG E 54 -10.47 4.44 3.03
C ARG E 54 -9.72 5.74 2.88
N LYS E 55 -9.53 6.43 3.99
CA LYS E 55 -9.18 7.86 3.95
C LYS E 55 -7.76 8.13 3.43
N LEU E 56 -7.54 9.36 2.97
CA LEU E 56 -6.28 9.74 2.38
C LEU E 56 -5.17 9.83 3.39
N SER E 57 -4.43 8.73 3.55
CA SER E 57 -3.09 8.73 4.16
C SER E 57 -2.34 7.58 3.51
N TRP E 58 -1.06 7.43 3.87
CA TRP E 58 -0.32 6.23 3.49
C TRP E 58 -0.84 5.05 4.31
N ILE E 59 -0.88 3.86 3.76
CA ILE E 59 -1.32 2.74 4.53
C ILE E 59 -0.38 1.56 4.42
N LYS E 60 -0.05 0.91 5.54
CA LYS E 60 0.97 -0.15 5.50
C LYS E 60 0.39 -1.40 4.82
N MET E 61 1.17 -1.99 3.92
CA MET E 61 0.63 -3.03 3.06
C MET E 61 0.25 -4.30 3.83
N THR E 62 0.87 -4.48 4.98
CA THR E 62 0.62 -5.61 5.86
C THR E 62 -0.69 -5.47 6.63
N LYS E 63 -1.37 -4.33 6.47
CA LYS E 63 -2.68 -4.16 7.10
C LYS E 63 -3.87 -4.47 6.13
N LEU E 64 -3.55 -4.51 4.86
CA LEU E 64 -4.59 -4.70 3.85
C LEU E 64 -4.96 -6.15 3.73
N GLU E 65 -6.25 -6.38 3.94
CA GLU E 65 -6.84 -7.71 3.87
C GLU E 65 -8.11 -7.70 3.02
N TYR E 66 -8.09 -8.41 1.91
CA TYR E 66 -9.25 -8.43 1.02
C TYR E 66 -9.27 -9.77 0.31
N GLU E 67 -9.72 -10.78 1.04
CA GLU E 67 -9.71 -12.16 0.58
C GLU E 67 -10.58 -12.31 -0.66
N GLU E 68 -11.71 -11.61 -0.65
CA GLU E 68 -12.70 -11.73 -1.71
C GLU E 68 -12.17 -11.14 -3.03
N ILE E 69 -11.11 -10.34 -2.95
CA ILE E 69 -10.57 -9.70 -4.16
C ILE E 69 -9.41 -10.52 -4.68
N ALA E 70 -8.42 -10.73 -3.84
CA ALA E 70 -7.20 -11.44 -4.28
C ALA E 70 -6.44 -12.00 -3.10
N LEU E 71 -5.97 -13.24 -3.24
CA LEU E 71 -5.15 -13.85 -2.23
C LEU E 71 -3.75 -13.27 -2.29
N ASP E 72 -3.36 -12.81 -3.48
CA ASP E 72 -2.14 -12.04 -3.65
C ASP E 72 -2.43 -10.70 -4.34
N LEU E 73 -2.29 -9.61 -3.59
CA LEU E 73 -2.60 -8.30 -4.12
C LEU E 73 -1.50 -7.67 -4.92
N THR E 74 -0.31 -8.26 -4.87
CA THR E 74 0.88 -7.73 -5.56
C THR E 74 0.60 -7.35 -7.05
N PRO E 75 0.09 -8.30 -7.85
CA PRO E 75 -0.08 -7.84 -9.23
C PRO E 75 -1.19 -6.79 -9.39
N VAL E 76 -2.17 -6.82 -8.51
CA VAL E 76 -3.26 -5.83 -8.54
C VAL E 76 -2.69 -4.44 -8.21
N ILE E 77 -1.95 -4.37 -7.10
CA ILE E 77 -1.18 -3.18 -6.73
C ILE E 77 -0.40 -2.67 -7.92
N GLU E 78 0.28 -3.61 -8.60
CA GLU E 78 1.03 -3.29 -9.81
C GLU E 78 0.13 -2.64 -10.88
N GLU E 79 -1.00 -3.24 -11.17
CA GLU E 79 -1.95 -2.68 -12.15
C GLU E 79 -2.37 -1.28 -11.79
N LEU E 80 -2.81 -1.11 -10.56
CA LEU E 80 -3.31 0.21 -10.12
C LEU E 80 -2.18 1.25 -10.11
N THR E 81 -0.97 0.81 -9.79
CA THR E 81 0.19 1.72 -9.81
C THR E 81 0.54 2.14 -11.24
N ASN E 82 0.62 1.19 -12.16
CA ASN E 82 0.98 1.50 -13.55
C ASN E 82 -0.07 2.41 -14.17
N ALA E 83 -1.32 2.13 -13.78
CA ALA E 83 -2.46 2.89 -14.31
C ALA E 83 -2.56 4.30 -13.74
N GLY E 84 -1.70 4.60 -12.78
CA GLY E 84 -1.59 5.93 -12.19
C GLY E 84 -2.56 6.22 -11.08
N PHE E 85 -3.03 5.19 -10.37
CA PHE E 85 -4.08 5.36 -9.42
C PHE E 85 -3.58 5.25 -7.99
N LEU E 86 -2.53 4.42 -7.76
CA LEU E 86 -1.93 4.25 -6.44
C LEU E 86 -0.43 4.56 -6.54
N GLN E 87 0.16 4.84 -5.39
CA GLN E 87 1.62 4.92 -5.31
C GLN E 87 2.07 3.99 -4.20
N THR E 88 3.30 3.50 -4.30
CA THR E 88 3.93 2.61 -3.32
C THR E 88 4.88 3.38 -2.41
N GLU E 89 5.39 2.69 -1.39
CA GLU E 89 6.28 3.31 -0.40
C GLU E 89 7.56 3.94 -0.98
N SER E 90 7.89 3.57 -2.22
CA SER E 90 9.03 4.13 -2.90
C SER E 90 8.82 5.61 -3.13
N GLU E 91 7.60 6.13 -2.99
CA GLU E 91 7.33 7.50 -3.35
C GLU E 91 7.13 8.36 -2.09
N LEU E 92 7.31 7.73 -0.94
CA LEU E 92 7.21 8.45 0.32
C LEU E 92 8.43 9.34 0.65
N GLN E 93 8.29 10.65 0.56
CA GLN E 93 9.44 11.53 0.72
C GLN E 93 9.24 12.68 1.70
N GLU E 94 8.01 12.83 2.18
CA GLU E 94 7.69 13.84 3.19
C GLU E 94 7.93 13.24 4.59
N LEU E 95 8.80 13.88 5.37
CA LEU E 95 9.17 13.34 6.66
C LEU E 95 7.94 13.27 7.59
N SER E 96 7.15 14.34 7.60
CA SER E 96 5.94 14.40 8.36
C SER E 96 4.97 13.27 7.97
N GLU E 97 4.78 12.97 6.69
CA GLU E 97 3.85 11.91 6.31
C GLU E 97 4.26 10.56 6.92
N VAL E 98 5.56 10.26 6.95
CA VAL E 98 6.01 8.96 7.47
C VAL E 98 5.95 8.96 8.99
N LEU E 99 6.32 10.09 9.61
CA LEU E 99 6.23 10.20 11.04
C LEU E 99 4.76 10.03 11.49
N GLU E 100 3.84 10.44 10.65
CA GLU E 100 2.43 10.27 10.98
C GLU E 100 1.95 8.83 10.81
N LEU E 101 2.57 8.11 9.87
CA LEU E 101 2.20 6.72 9.63
C LEU E 101 2.59 5.69 10.76
N LEU E 102 3.66 5.98 11.48
CA LEU E 102 4.28 5.01 12.39
C LEU E 102 3.48 4.60 13.63
N SER E 103 3.53 3.30 13.96
CA SER E 103 2.91 2.80 15.19
C SER E 103 3.62 3.35 16.42
N ALA E 104 3.09 3.04 17.60
CA ALA E 104 3.66 3.60 18.83
C ALA E 104 5.00 2.94 19.19
N PRO E 105 5.07 1.60 19.20
CA PRO E 105 6.39 1.01 19.45
C PRO E 105 7.49 1.48 18.49
N GLU E 106 7.17 1.63 17.21
CA GLU E 106 8.17 2.02 16.21
C GLU E 106 8.71 3.42 16.48
N LEU E 107 7.79 4.32 16.77
CA LEU E 107 8.16 5.70 17.04
C LEU E 107 9.00 5.76 18.31
N LYS E 108 8.66 4.91 19.27
CA LYS E 108 9.41 4.81 20.51
C LYS E 108 10.81 4.33 20.19
N SER E 109 10.92 3.24 19.43
CA SER E 109 12.21 2.73 18.98
C SER E 109 13.05 3.83 18.31
N LEU E 110 12.47 4.50 17.34
CA LEU E 110 13.19 5.52 16.59
C LEU E 110 13.68 6.62 17.55
N ALA E 111 12.83 6.95 18.50
CA ALA E 111 13.11 8.02 19.47
C ALA E 111 14.31 7.66 20.32
N LYS E 112 14.37 6.42 20.79
CA LYS E 112 15.50 5.98 21.58
C LYS E 112 16.76 6.05 20.75
N THR E 113 16.69 5.59 19.49
CA THR E 113 17.78 5.66 18.53
C THR E 113 18.46 7.01 18.47
N PHE E 114 17.70 8.09 18.34
CA PHE E 114 18.35 9.40 18.27
C PHE E 114 18.53 10.09 19.61
N HIS E 115 18.41 9.31 20.69
CA HIS E 115 18.58 9.84 22.05
C HIS E 115 17.61 11.01 22.27
N LEU E 116 16.40 10.82 21.81
CA LEU E 116 15.37 11.81 22.06
C LEU E 116 14.96 11.70 23.51
N VAL E 117 14.74 12.85 24.11
CA VAL E 117 14.32 12.96 25.48
C VAL E 117 12.92 12.40 25.67
N ASN E 118 12.58 12.03 26.92
CA ASN E 118 11.25 11.48 27.28
C ASN E 118 10.78 10.37 26.29
N PRO E 119 11.62 9.35 26.05
CA PRO E 119 11.25 8.35 25.05
C PRO E 119 9.90 7.64 25.25
N ASN E 120 9.58 7.25 26.49
CA ASN E 120 8.23 6.78 26.80
C ASN E 120 7.18 7.88 26.52
N GLY E 121 7.67 8.98 25.97
CA GLY E 121 6.84 10.11 25.63
C GLY E 121 5.76 9.76 24.64
N GLN E 122 4.76 10.64 24.56
CA GLN E 122 3.60 10.49 23.67
C GLN E 122 3.99 10.55 22.21
N LYS E 123 3.18 9.95 21.34
CA LYS E 123 3.48 9.85 19.91
C LYS E 123 3.72 11.25 19.31
N GLN E 124 2.76 12.13 19.55
CA GLN E 124 2.75 13.39 18.83
C GLN E 124 3.96 14.24 19.24
N GLN E 125 4.29 14.23 20.53
CA GLN E 125 5.45 14.99 21.03
C GLN E 125 6.74 14.49 20.37
N LEU E 126 6.89 13.17 20.26
CA LEU E 126 8.00 12.57 19.53
C LEU E 126 7.98 13.01 18.07
N VAL E 127 6.80 13.06 17.43
CA VAL E 127 6.71 13.49 16.03
C VAL E 127 7.27 14.90 15.92
N ASP E 128 6.75 15.78 16.79
CA ASP E 128 7.18 17.18 16.75
C ASP E 128 8.70 17.27 17.04
N ALA E 129 9.14 16.46 18.00
CA ALA E 129 10.57 16.44 18.34
C ALA E 129 11.42 16.03 17.14
N PHE E 130 11.02 14.97 16.42
CA PHE E 130 11.73 14.59 15.20
C PHE E 130 11.80 15.72 14.17
N LEU E 131 10.71 16.47 14.01
CA LEU E 131 10.67 17.47 12.99
C LEU E 131 11.57 18.66 13.33
N LYS E 132 11.65 18.95 14.62
CA LYS E 132 12.57 19.97 15.09
C LYS E 132 13.99 19.48 14.87
N LEU E 133 14.30 18.30 15.38
CA LEU E 133 15.57 17.65 15.14
C LEU E 133 16.00 17.71 13.66
N ALA E 134 15.03 17.62 12.78
CA ALA E 134 15.29 17.69 11.34
C ALA E 134 15.70 19.09 10.94
N LYS E 135 15.19 20.08 11.67
CA LYS E 135 15.43 21.50 11.33
C LYS E 135 16.80 22.00 11.87
N GLN E 136 17.74 21.07 12.00
CA GLN E 136 19.08 21.42 12.45
C GLN E 136 19.72 22.30 11.38
N LYS E 146 17.91 24.73 4.60
CA LYS E 146 18.23 24.49 3.20
C LYS E 146 19.69 24.07 3.01
N PRO E 147 19.94 22.74 2.94
CA PRO E 147 18.96 21.72 3.24
C PRO E 147 19.09 21.22 4.67
N GLY E 148 18.39 20.13 4.96
CA GLY E 148 18.30 19.68 6.33
C GLY E 148 18.55 18.21 6.58
N ILE E 149 18.83 17.88 7.84
CA ILE E 149 19.07 16.50 8.30
C ILE E 149 17.73 15.68 8.32
N GLY E 150 16.67 16.25 7.75
CA GLY E 150 15.36 15.65 7.83
C GLY E 150 15.22 14.44 6.93
N ALA E 151 15.74 14.55 5.71
CA ALA E 151 15.71 13.50 4.70
C ALA E 151 16.24 12.16 5.22
N VAL E 152 17.32 12.18 5.97
CA VAL E 152 17.93 10.98 6.54
C VAL E 152 17.05 10.31 7.63
N ILE E 153 16.46 11.17 8.45
CA ILE E 153 15.52 10.69 9.42
C ILE E 153 14.35 10.05 8.66
N LEU E 154 13.91 10.74 7.61
CA LEU E 154 12.79 10.26 6.76
C LEU E 154 13.05 8.86 6.20
N LYS E 155 14.23 8.68 5.62
CA LYS E 155 14.65 7.34 5.18
C LYS E 155 14.43 6.26 6.26
N ARG E 156 14.93 6.51 7.46
CA ARG E 156 14.96 5.50 8.47
C ARG E 156 13.57 5.17 9.00
N ALA E 157 12.72 6.22 9.09
CA ALA E 157 11.30 6.01 9.44
C ALA E 157 10.56 5.17 8.41
N LYS E 158 10.84 5.42 7.12
CA LYS E 158 10.32 4.58 6.03
C LYS E 158 10.80 3.11 6.18
N ALA E 159 12.06 2.97 6.55
CA ALA E 159 12.67 1.67 6.68
C ALA E 159 11.91 0.84 7.72
N LEU E 160 11.54 1.46 8.83
CA LEU E 160 10.94 0.68 9.88
C LEU E 160 9.47 0.49 9.56
N ALA E 161 8.85 1.48 8.94
CA ALA E 161 7.43 1.43 8.54
C ALA E 161 7.10 0.27 7.62
N GLY E 162 7.97 0.06 6.63
CA GLY E 162 7.79 -1.04 5.69
C GLY E 162 7.09 -0.65 4.41
N GLN E 163 6.67 -1.66 3.66
CA GLN E 163 5.93 -1.46 2.41
C GLN E 163 4.61 -0.76 2.69
N SER E 164 4.31 0.29 1.92
CA SER E 164 3.12 1.07 2.13
C SER E 164 2.53 1.56 0.81
N VAL E 165 1.24 1.88 0.84
CA VAL E 165 0.62 2.40 -0.38
C VAL E 165 -0.16 3.67 -0.06
N ARG E 166 -0.27 4.55 -1.02
CA ARG E 166 -1.19 5.66 -0.95
C ARG E 166 -2.01 5.85 -2.27
N ILE E 167 -3.30 6.11 -2.05
CA ILE E 167 -4.23 6.49 -3.13
C ILE E 167 -3.78 7.83 -3.75
N CYS E 168 -3.64 7.84 -5.08
CA CYS E 168 -3.17 9.06 -5.72
C CYS E 168 -4.17 10.18 -5.66
N LYS E 169 -3.64 11.40 -5.46
CA LYS E 169 -4.40 12.56 -5.01
C LYS E 169 -5.40 13.07 -6.09
N GLY E 170 -4.87 13.15 -7.30
CA GLY E 170 -5.55 13.87 -8.37
C GLY E 170 -6.72 12.99 -8.75
N PRO E 171 -6.45 11.71 -9.13
CA PRO E 171 -7.55 10.85 -9.55
C PRO E 171 -8.61 10.68 -8.47
N ARG E 172 -8.21 10.60 -7.21
CA ARG E 172 -9.15 10.49 -6.13
C ARG E 172 -10.05 11.73 -6.14
N ALA E 173 -9.46 12.87 -6.46
CA ALA E 173 -10.23 14.12 -6.45
C ALA E 173 -11.30 14.12 -7.58
N VAL E 174 -10.95 13.42 -8.65
CA VAL E 174 -11.83 13.39 -9.82
C VAL E 174 -13.06 12.53 -9.47
N PHE E 175 -12.80 11.35 -8.91
CA PHE E 175 -13.89 10.46 -8.53
C PHE E 175 -14.69 11.10 -7.44
N SER E 176 -14.00 11.86 -6.60
CA SER E 176 -14.58 12.60 -5.51
C SER E 176 -15.68 13.56 -5.99
N ARG E 177 -15.35 14.32 -7.03
CA ARG E 177 -16.24 15.26 -7.63
C ARG E 177 -17.38 14.52 -8.35
N ILE E 178 -17.08 13.38 -8.96
CA ILE E 178 -18.11 12.63 -9.64
C ILE E 178 -19.13 12.12 -8.64
N LEU E 179 -18.67 11.53 -7.54
CA LEU E 179 -19.66 11.13 -6.52
C LEU E 179 -20.44 12.33 -5.98
N LEU E 180 -19.80 13.45 -5.81
CA LEU E 180 -20.41 14.62 -5.29
C LEU E 180 -21.59 15.02 -6.17
N LEU E 181 -21.33 15.05 -7.47
CA LEU E 181 -22.36 15.48 -8.42
C LEU E 181 -23.47 14.46 -8.53
N PHE E 182 -23.15 13.17 -8.36
CA PHE E 182 -24.18 12.14 -8.47
C PHE E 182 -25.25 12.49 -7.43
N SER E 183 -24.82 12.75 -6.21
CA SER E 183 -25.77 12.98 -5.14
C SER E 183 -25.54 14.32 -4.55
N LEU E 184 -26.17 15.33 -5.15
CA LEU E 184 -26.25 16.70 -4.58
C LEU E 184 -27.15 16.65 -3.32
N THR E 185 -28.08 15.70 -3.31
CA THR E 185 -28.87 15.41 -2.10
C THR E 185 -28.07 14.67 -1.01
N LEU E 205 -25.05 8.03 0.84
CA LEU E 205 -24.44 7.13 -0.15
C LEU E 205 -23.84 5.96 0.58
N LEU E 206 -24.49 5.61 1.68
CA LEU E 206 -24.19 4.38 2.42
C LEU E 206 -24.35 3.13 1.53
N VAL E 207 -23.90 2.00 2.06
CA VAL E 207 -23.80 0.71 1.38
C VAL E 207 -25.00 0.26 0.52
N ASN E 208 -26.21 0.55 0.99
CA ASN E 208 -27.37 -0.15 0.44
C ASN E 208 -27.72 0.22 -0.99
N LEU E 209 -27.00 1.20 -1.53
CA LEU E 209 -27.29 1.78 -2.84
C LEU E 209 -27.43 0.77 -3.96
N GLY E 210 -26.53 -0.19 -4.05
CA GLY E 210 -26.69 -1.28 -5.01
C GLY E 210 -28.01 -2.02 -4.95
N ARG E 211 -28.63 -2.11 -3.78
CA ARG E 211 -29.80 -2.97 -3.57
C ARG E 211 -31.13 -2.22 -3.33
N MET E 212 -31.05 -0.99 -2.87
CA MET E 212 -32.24 -0.22 -2.53
C MET E 212 -33.04 0.24 -3.75
N GLU E 213 -34.35 0.27 -3.55
CA GLU E 213 -35.32 0.49 -4.65
C GLU E 213 -36.18 1.74 -4.40
N PHE E 214 -36.11 2.65 -5.34
CA PHE E 214 -36.68 4.01 -5.18
C PHE E 214 -38.10 4.09 -5.71
N PRO E 215 -38.86 5.13 -5.38
CA PRO E 215 -40.16 5.32 -6.01
C PRO E 215 -39.98 5.62 -7.52
N SER E 216 -41.06 5.51 -8.29
CA SER E 216 -40.97 5.78 -9.70
C SER E 216 -41.37 7.24 -9.92
N TYR E 217 -40.74 7.86 -10.90
CA TYR E 217 -41.13 9.18 -11.38
C TYR E 217 -40.42 9.32 -12.71
N THR E 218 -40.57 10.44 -13.39
CA THR E 218 -39.80 10.63 -14.60
C THR E 218 -38.81 11.79 -14.41
N ILE E 219 -37.61 11.59 -14.92
CA ILE E 219 -36.57 12.64 -14.88
C ILE E 219 -37.08 13.83 -15.68
N ASN E 220 -36.91 15.03 -15.16
CA ASN E 220 -37.29 16.26 -15.85
C ASN E 220 -36.17 17.33 -15.70
N ARG E 221 -35.13 17.24 -16.55
CA ARG E 221 -33.92 18.05 -16.41
C ARG E 221 -33.90 19.16 -17.44
N LYS E 222 -33.69 20.38 -16.97
CA LYS E 222 -33.63 21.54 -17.85
C LYS E 222 -32.47 22.47 -17.47
N THR E 223 -31.96 22.32 -16.25
CA THR E 223 -30.99 23.24 -15.71
C THR E 223 -29.57 22.67 -15.71
N HIS E 224 -28.65 23.57 -15.98
CA HIS E 224 -27.23 23.31 -15.78
C HIS E 224 -26.90 24.06 -14.51
N ILE E 225 -26.44 23.33 -13.51
CA ILE E 225 -26.13 23.89 -12.23
C ILE E 225 -24.71 24.47 -12.22
N PHE E 226 -23.79 23.80 -12.89
CA PHE E 226 -22.42 24.27 -12.94
C PHE E 226 -22.09 24.89 -14.27
N GLN E 227 -21.52 26.09 -14.22
CA GLN E 227 -21.24 26.83 -15.45
C GLN E 227 -20.10 26.18 -16.21
N ASP E 228 -19.08 25.76 -15.48
CA ASP E 228 -17.93 25.09 -16.10
C ASP E 228 -17.14 24.32 -15.02
N ARG E 229 -16.03 23.71 -15.45
CA ARG E 229 -15.29 22.76 -14.63
C ARG E 229 -14.90 23.40 -13.31
N ASP E 230 -14.29 24.59 -13.41
CA ASP E 230 -13.79 25.30 -12.23
C ASP E 230 -14.91 25.73 -11.27
N ASP E 231 -16.11 26.03 -11.76
CA ASP E 231 -17.21 26.30 -10.85
C ASP E 231 -17.53 25.08 -9.99
N LEU E 232 -17.54 23.90 -10.60
CA LEU E 232 -17.71 22.66 -9.83
C LEU E 232 -16.60 22.49 -8.79
N ILE E 233 -15.37 22.79 -9.18
CA ILE E 233 -14.22 22.71 -8.32
C ILE E 233 -14.33 23.68 -7.14
N ARG E 234 -14.76 24.90 -7.41
CA ARG E 234 -14.99 25.86 -6.33
C ARG E 234 -16.08 25.35 -5.41
N TYR E 235 -17.17 24.85 -6.00
CA TYR E 235 -18.25 24.25 -5.22
C TYR E 235 -17.72 23.16 -4.27
N ALA E 236 -16.94 22.24 -4.83
CA ALA E 236 -16.43 21.12 -4.06
C ALA E 236 -15.52 21.56 -2.93
N ALA E 237 -14.70 22.58 -3.18
CA ALA E 237 -13.77 23.06 -2.16
C ALA E 237 -14.53 23.70 -1.03
N ALA E 238 -15.61 24.41 -1.33
CA ALA E 238 -16.42 24.98 -0.27
C ALA E 238 -16.97 23.84 0.60
N THR E 239 -17.49 22.80 -0.07
CA THR E 239 -18.04 21.65 0.62
C THR E 239 -17.04 21.06 1.65
N HIS E 240 -15.81 20.83 1.18
CA HIS E 240 -14.80 20.21 2.02
C HIS E 240 -14.43 21.11 3.20
N MET E 241 -14.34 22.41 2.94
CA MET E 241 -14.09 23.36 4.00
C MET E 241 -15.20 23.30 5.07
N LEU E 242 -16.45 23.29 4.64
CA LEU E 242 -17.58 23.24 5.58
C LEU E 242 -17.48 21.95 6.40
N SER E 243 -17.09 20.90 5.71
CA SER E 243 -16.93 19.62 6.36
C SER E 243 -15.86 19.75 7.43
N ASP E 244 -14.73 20.38 7.07
CA ASP E 244 -13.68 20.55 8.08
C ASP E 244 -14.11 21.37 9.27
N ILE E 245 -14.75 22.51 9.03
CA ILE E 245 -15.19 23.38 10.10
C ILE E 245 -16.13 22.68 11.04
N SER E 246 -17.09 21.95 10.49
CA SER E 246 -18.03 21.21 11.33
C SER E 246 -17.28 20.20 12.22
N SER E 247 -16.40 19.46 11.56
CA SER E 247 -15.58 18.48 12.27
C SER E 247 -14.77 19.17 13.38
N ALA E 248 -14.11 20.28 13.07
CA ALA E 248 -13.34 21.02 14.05
C ALA E 248 -14.16 21.40 15.29
N MET E 249 -15.28 22.09 15.09
CA MET E 249 -16.14 22.50 16.18
C MET E 249 -16.57 21.32 17.04
N ALA E 250 -16.86 20.19 16.43
CA ALA E 250 -17.33 19.02 17.15
C ALA E 250 -16.29 18.50 18.13
N ASN E 251 -15.03 18.65 17.77
CA ASN E 251 -13.87 18.20 18.52
C ASN E 251 -13.36 19.24 19.52
N GLY E 252 -14.03 20.40 19.56
CA GLY E 252 -13.65 21.45 20.47
C GLY E 252 -12.38 22.17 20.04
N ASN E 253 -12.05 22.07 18.76
CA ASN E 253 -10.88 22.77 18.24
C ASN E 253 -11.25 24.14 17.71
N TRP E 254 -11.71 25.01 18.60
CA TRP E 254 -12.33 26.25 18.22
C TRP E 254 -11.37 27.23 17.57
N GLU E 255 -10.12 27.13 17.94
CA GLU E 255 -9.08 28.02 17.42
C GLU E 255 -8.80 27.69 15.94
N GLU E 256 -8.57 26.41 15.68
CA GLU E 256 -8.41 25.96 14.30
C GLU E 256 -9.71 26.16 13.52
N ALA E 257 -10.86 25.97 14.17
CA ALA E 257 -12.14 26.15 13.48
C ALA E 257 -12.30 27.59 13.05
N LYS E 258 -11.79 28.52 13.86
CA LYS E 258 -11.88 29.96 13.55
C LYS E 258 -10.94 30.31 12.41
N GLU E 259 -9.71 29.79 12.40
CA GLU E 259 -8.77 30.06 11.33
C GLU E 259 -9.30 29.51 9.99
N LEU E 260 -9.76 28.27 10.04
CA LEU E 260 -10.39 27.67 8.87
C LEU E 260 -11.60 28.52 8.43
N ALA E 261 -12.42 28.98 9.36
CA ALA E 261 -13.55 29.80 9.04
C ALA E 261 -13.17 31.15 8.43
N GLN E 262 -12.08 31.72 8.91
CA GLN E 262 -11.63 33.03 8.38
C GLN E 262 -11.07 32.84 6.97
N CYS E 263 -10.31 31.77 6.76
CA CYS E 263 -9.82 31.44 5.42
C CYS E 263 -11.01 31.31 4.47
N ALA E 264 -12.04 30.63 4.93
CA ALA E 264 -13.25 30.44 4.15
C ALA E 264 -13.90 31.79 3.94
N LYS E 265 -13.82 32.67 4.93
CA LYS E 265 -14.48 33.93 4.80
C LYS E 265 -13.82 34.69 3.67
N ARG E 266 -12.48 34.71 3.66
CA ARG E 266 -11.73 35.40 2.57
C ARG E 266 -12.05 34.72 1.26
N ASP E 267 -12.05 33.39 1.28
CA ASP E 267 -12.35 32.61 0.09
C ASP E 267 -13.72 32.90 -0.52
N TRP E 268 -14.69 33.26 0.31
CA TRP E 268 -15.98 33.72 -0.20
C TRP E 268 -15.90 35.14 -0.74
N ASN E 269 -15.22 36.01 -0.01
N ASN E 269 -15.18 36.01 -0.04
CA ASN E 269 -14.99 37.37 -0.47
CA ASN E 269 -15.01 37.38 -0.47
C ASN E 269 -14.16 37.46 -1.75
C ASN E 269 -14.11 37.52 -1.72
N ARG E 270 -13.06 36.69 -1.78
CA ARG E 270 -12.19 36.65 -2.95
C ARG E 270 -12.86 35.97 -4.14
N LEU E 271 -14.07 35.46 -3.94
CA LEU E 271 -14.86 34.97 -5.06
C LEU E 271 -15.81 36.03 -5.61
N LYS E 272 -15.86 37.20 -4.97
CA LYS E 272 -16.80 38.25 -5.33
C LYS E 272 -16.65 38.68 -6.78
N ASN E 273 -17.79 38.94 -7.45
CA ASN E 273 -17.82 39.42 -8.83
C ASN E 273 -17.55 38.32 -9.88
N HIS E 274 -17.61 37.08 -9.42
CA HIS E 274 -17.56 35.95 -10.36
C HIS E 274 -18.81 35.98 -11.26
N PRO E 275 -18.62 35.70 -12.56
CA PRO E 275 -19.78 35.56 -13.47
C PRO E 275 -20.82 34.50 -13.06
N SER E 276 -20.35 33.32 -12.69
CA SER E 276 -21.24 32.20 -12.46
C SER E 276 -22.23 32.42 -11.33
N LEU E 277 -21.84 33.32 -10.44
CA LEU E 277 -22.63 33.68 -9.26
C LEU E 277 -23.92 34.36 -9.68
N ARG E 278 -23.89 35.15 -10.74
CA ARG E 278 -25.11 35.71 -11.29
C ARG E 278 -26.05 34.58 -11.72
N CYS E 279 -25.48 33.57 -12.37
CA CYS E 279 -26.24 32.40 -12.80
C CYS E 279 -26.80 31.60 -11.62
N HIS E 280 -26.06 31.58 -10.54
CA HIS E 280 -26.54 31.01 -9.28
C HIS E 280 -27.77 31.77 -8.76
N GLU E 281 -27.76 33.11 -8.91
CA GLU E 281 -28.86 33.95 -8.48
C GLU E 281 -30.08 33.88 -9.39
N ASP E 282 -29.91 33.31 -10.58
CA ASP E 282 -31.04 33.18 -11.50
C ASP E 282 -31.88 31.94 -11.30
N LEU E 283 -31.35 30.90 -10.69
CA LEU E 283 -32.05 29.61 -10.55
C LEU E 283 -32.95 29.49 -9.29
N PRO E 284 -34.00 28.63 -9.30
CA PRO E 284 -34.86 28.72 -8.14
C PRO E 284 -34.19 28.28 -6.87
N LEU E 285 -34.73 28.70 -5.73
CA LEU E 285 -34.15 28.43 -4.41
C LEU E 285 -33.81 26.97 -4.10
N PHE E 286 -34.79 26.10 -4.31
CA PHE E 286 -34.65 24.69 -3.97
C PHE E 286 -33.50 24.04 -4.74
N LEU E 287 -33.03 24.68 -5.80
CA LEU E 287 -31.75 24.28 -6.41
C LEU E 287 -30.62 25.23 -6.04
N ARG E 288 -30.94 26.45 -5.60
CA ARG E 288 -29.98 27.42 -5.14
C ARG E 288 -29.14 26.87 -4.00
N CYS E 289 -29.68 25.90 -3.29
CA CYS E 289 -28.97 25.26 -2.18
C CYS E 289 -27.79 24.42 -2.70
N PHE E 290 -27.74 24.24 -4.00
CA PHE E 290 -26.70 23.45 -4.65
C PHE E 290 -25.69 24.33 -5.37
N THR E 291 -25.31 25.44 -4.71
CA THR E 291 -24.37 26.42 -5.22
C THR E 291 -23.28 26.72 -4.18
N VAL E 292 -22.15 27.25 -4.64
CA VAL E 292 -21.05 27.58 -3.74
C VAL E 292 -21.50 28.61 -2.68
N GLY E 293 -22.27 29.60 -3.12
CA GLY E 293 -22.71 30.66 -2.25
C GLY E 293 -23.54 30.20 -1.08
N TRP E 294 -24.46 29.29 -1.32
CA TRP E 294 -25.33 28.74 -0.28
C TRP E 294 -24.50 28.03 0.78
N ILE E 295 -23.51 27.28 0.32
CA ILE E 295 -22.64 26.54 1.22
C ILE E 295 -21.80 27.49 2.10
N TYR E 296 -21.28 28.55 1.52
CA TYR E 296 -20.49 29.51 2.28
C TYR E 296 -21.36 30.29 3.25
N THR E 297 -22.61 30.50 2.87
CA THR E 297 -23.59 31.11 3.74
C THR E 297 -23.78 30.23 4.96
N ARG E 298 -23.92 28.93 4.74
CA ARG E 298 -24.03 27.98 5.85
C ARG E 298 -22.76 28.08 6.69
N ILE E 299 -21.62 28.20 6.02
CA ILE E 299 -20.36 28.34 6.75
C ILE E 299 -20.39 29.58 7.63
N LEU E 300 -20.82 30.70 7.07
CA LEU E 300 -20.95 31.97 7.81
C LEU E 300 -21.90 31.83 9.00
N SER E 301 -22.92 31.00 8.83
CA SER E 301 -23.89 30.80 9.90
C SER E 301 -23.25 30.05 11.07
N ARG E 302 -22.44 29.06 10.76
CA ARG E 302 -21.74 28.35 11.85
C ARG E 302 -20.66 29.26 12.41
N PHE E 303 -20.15 30.15 11.58
CA PHE E 303 -19.14 31.12 11.96
C PHE E 303 -19.68 31.94 13.10
N VAL E 304 -20.97 32.24 13.08
CA VAL E 304 -21.62 32.98 14.15
C VAL E 304 -21.42 32.25 15.48
N GLU E 305 -21.73 30.96 15.48
CA GLU E 305 -21.65 30.13 16.70
C GLU E 305 -20.21 30.05 17.19
N ILE E 306 -19.29 30.01 16.25
CA ILE E 306 -17.87 29.89 16.55
C ILE E 306 -17.40 31.15 17.27
N LEU E 307 -17.65 32.29 16.65
CA LEU E 307 -17.21 33.56 17.24
C LEU E 307 -17.88 33.75 18.61
N GLN E 308 -19.16 33.39 18.75
CA GLN E 308 -19.84 33.48 20.05
C GLN E 308 -19.12 32.68 21.14
N ARG E 309 -18.73 31.46 20.81
CA ARG E 309 -18.04 30.60 21.76
C ARG E 309 -16.76 31.30 22.28
N LEU E 310 -16.09 31.99 21.39
CA LEU E 310 -14.81 32.63 21.69
C LEU E 310 -14.99 34.09 22.13
N HIS E 311 -16.24 34.48 22.34
CA HIS E 311 -16.59 35.77 22.95
C HIS E 311 -16.30 36.97 22.05
N MET E 312 -16.14 36.71 20.75
CA MET E 312 -15.97 37.80 19.77
C MET E 312 -17.35 38.29 19.31
N TYR E 313 -18.14 38.78 20.27
CA TYR E 313 -19.53 39.08 20.06
C TYR E 313 -19.71 40.25 19.08
N GLU E 314 -18.73 41.17 19.08
CA GLU E 314 -18.71 42.28 18.16
C GLU E 314 -18.77 41.76 16.71
N GLU E 315 -17.72 41.04 16.34
CA GLU E 315 -17.68 40.35 15.03
C GLU E 315 -18.98 39.58 14.75
N ALA E 316 -19.55 39.00 15.81
CA ALA E 316 -20.81 38.28 15.71
C ALA E 316 -21.91 39.15 15.12
N VAL E 317 -22.27 40.20 15.85
CA VAL E 317 -23.34 41.07 15.43
C VAL E 317 -23.07 41.49 13.97
N ARG E 318 -21.83 41.83 13.65
CA ARG E 318 -21.51 42.36 12.34
C ARG E 318 -21.80 41.30 11.27
N GLU E 319 -21.30 40.10 11.54
CA GLU E 319 -21.49 39.00 10.59
C GLU E 319 -22.96 38.69 10.36
N LEU E 320 -23.77 38.77 11.43
CA LEU E 320 -25.21 38.55 11.35
C LEU E 320 -25.87 39.60 10.50
N GLU E 321 -25.43 40.84 10.68
CA GLU E 321 -25.98 41.98 9.94
C GLU E 321 -25.71 41.67 8.49
N SER E 322 -24.49 41.23 8.21
CA SER E 322 -24.11 40.82 6.88
C SER E 322 -25.02 39.74 6.30
N LEU E 323 -25.30 38.68 7.07
CA LEU E 323 -26.16 37.61 6.58
C LEU E 323 -27.54 38.15 6.24
N LEU E 324 -28.10 38.93 7.15
CA LEU E 324 -29.45 39.42 6.96
C LEU E 324 -29.52 40.53 5.91
N SER E 325 -28.38 41.06 5.47
CA SER E 325 -28.40 42.10 4.45
C SER E 325 -28.74 41.53 3.05
N GLN E 326 -28.64 40.22 2.92
CA GLN E 326 -29.04 39.52 1.72
C GLN E 326 -30.15 38.53 2.04
N ARG E 327 -30.97 38.22 1.04
CA ARG E 327 -32.07 37.28 1.19
C ARG E 327 -31.94 36.27 0.05
N ILE E 328 -30.72 35.99 -0.38
CA ILE E 328 -30.51 35.13 -1.55
C ILE E 328 -30.22 33.67 -1.13
N TYR E 329 -29.49 33.56 -0.03
CA TYR E 329 -29.06 32.23 0.44
C TYR E 329 -29.55 31.89 1.84
N CYS E 330 -30.05 30.66 1.98
CA CYS E 330 -30.58 30.16 3.26
C CYS E 330 -31.63 31.09 3.93
N PRO E 331 -32.64 31.48 3.16
CA PRO E 331 -33.69 32.30 3.78
C PRO E 331 -34.36 31.54 4.92
N ASP E 332 -34.39 30.21 4.80
CA ASP E 332 -34.94 29.31 5.82
C ASP E 332 -34.29 29.53 7.17
N SER E 333 -33.07 30.05 7.17
CA SER E 333 -32.32 30.24 8.43
C SER E 333 -32.52 31.59 9.05
N ARG E 334 -33.25 32.49 8.38
CA ARG E 334 -33.51 33.83 8.87
C ARG E 334 -34.09 33.82 10.29
N GLY E 335 -35.01 32.90 10.58
CA GLY E 335 -35.59 32.80 11.91
C GLY E 335 -34.55 32.50 12.98
N ARG E 336 -33.60 31.64 12.67
CA ARG E 336 -32.52 31.40 13.60
C ARG E 336 -31.71 32.69 13.80
N TRP E 337 -31.46 33.37 12.70
CA TRP E 337 -30.53 34.50 12.66
C TRP E 337 -31.05 35.69 13.46
N TRP E 338 -32.27 36.12 13.12
CA TRP E 338 -32.88 37.25 13.82
C TRP E 338 -32.89 37.00 15.31
N ASP E 339 -33.41 35.85 15.70
CA ASP E 339 -33.50 35.49 17.11
C ASP E 339 -32.15 35.49 17.83
N ARG E 340 -31.08 35.06 17.16
CA ARG E 340 -29.78 35.01 17.84
C ARG E 340 -29.24 36.45 17.95
N LEU E 341 -29.48 37.24 16.89
CA LEU E 341 -29.06 38.64 16.90
C LEU E 341 -29.67 39.42 18.06
N ALA E 342 -30.99 39.29 18.21
CA ALA E 342 -31.71 39.90 19.33
C ALA E 342 -30.99 39.55 20.63
N LEU E 343 -30.72 38.26 20.83
CA LEU E 343 -30.10 37.81 22.05
C LEU E 343 -28.74 38.50 22.26
N ASN E 344 -27.96 38.58 21.19
CA ASN E 344 -26.65 39.15 21.28
C ASN E 344 -26.72 40.64 21.63
N LEU E 345 -27.67 41.37 21.03
CA LEU E 345 -27.88 42.78 21.33
C LEU E 345 -28.42 42.93 22.75
N HIS E 346 -29.30 42.00 23.14
CA HIS E 346 -30.01 42.12 24.41
C HIS E 346 -29.22 42.00 25.69
N GLN E 347 -28.27 41.09 25.77
CA GLN E 347 -27.66 40.76 27.08
C GLN E 347 -26.25 41.24 27.42
N HIS E 348 -25.27 40.39 27.16
CA HIS E 348 -23.87 40.69 27.45
C HIS E 348 -23.39 41.97 26.76
N LEU E 349 -23.82 42.15 25.52
CA LEU E 349 -23.59 43.41 24.81
C LEU E 349 -24.38 44.55 25.47
N LYS E 350 -25.55 44.23 25.98
CA LYS E 350 -26.36 45.13 26.80
C LYS E 350 -26.67 46.44 26.08
N ARG E 351 -26.74 46.38 24.75
CA ARG E 351 -27.00 47.54 23.90
C ARG E 351 -28.50 47.53 23.52
N LEU E 352 -29.30 48.07 24.42
CA LEU E 352 -30.71 47.71 24.47
C LEU E 352 -31.57 48.31 23.36
N GLU E 353 -31.34 49.57 23.03
CA GLU E 353 -32.17 50.25 22.02
C GLU E 353 -32.07 49.55 20.64
N PRO E 354 -30.84 49.31 20.16
CA PRO E 354 -30.77 48.63 18.88
C PRO E 354 -31.31 47.22 18.98
N THR E 355 -31.26 46.61 20.16
CA THR E 355 -31.97 45.34 20.40
C THR E 355 -33.46 45.45 20.10
N ILE E 356 -34.10 46.51 20.59
CA ILE E 356 -35.51 46.74 20.34
C ILE E 356 -35.76 46.84 18.83
N LYS E 357 -34.88 47.62 18.18
CA LYS E 357 -34.98 47.82 16.76
C LYS E 357 -34.89 46.50 16.02
N CYS E 358 -33.92 45.68 16.42
CA CYS E 358 -33.68 44.37 15.84
C CYS E 358 -34.90 43.46 15.91
N ILE E 359 -35.48 43.35 17.10
CA ILE E 359 -36.67 42.52 17.33
C ILE E 359 -37.82 43.00 16.47
N THR E 360 -37.94 44.30 16.33
CA THR E 360 -39.07 44.85 15.56
C THR E 360 -38.89 44.56 14.05
N GLU E 361 -37.67 44.75 13.58
CA GLU E 361 -37.34 44.46 12.19
C GLU E 361 -37.51 42.99 11.91
N GLY E 362 -37.05 42.15 12.85
CA GLY E 362 -37.24 40.73 12.78
C GLY E 362 -38.68 40.34 12.57
N LEU E 363 -39.55 40.87 13.40
CA LEU E 363 -40.97 40.53 13.23
C LEU E 363 -41.51 41.02 11.90
N ALA E 364 -40.93 42.10 11.39
CA ALA E 364 -41.35 42.69 10.12
C ALA E 364 -40.91 41.80 8.94
N ASP E 365 -39.84 41.01 9.13
CA ASP E 365 -39.45 40.02 8.10
C ASP E 365 -40.56 38.98 8.03
N PRO E 366 -41.08 38.70 6.82
CA PRO E 366 -42.24 37.79 6.74
C PRO E 366 -41.87 36.30 6.80
N GLU E 367 -40.63 35.97 6.43
CA GLU E 367 -40.23 34.59 6.26
C GLU E 367 -39.88 33.90 7.56
N VAL E 368 -40.11 34.56 8.69
CA VAL E 368 -39.72 34.01 9.99
C VAL E 368 -40.77 33.02 10.54
N ARG E 369 -40.31 31.91 11.10
CA ARG E 369 -41.23 30.86 11.58
C ARG E 369 -41.83 31.23 12.91
N THR E 370 -42.88 30.52 13.30
CA THR E 370 -43.68 30.90 14.47
C THR E 370 -42.92 30.76 15.80
N GLY E 371 -42.19 29.65 15.93
CA GLY E 371 -41.38 29.36 17.10
C GLY E 371 -40.45 30.50 17.54
N HIS E 372 -39.54 30.92 16.66
CA HIS E 372 -38.61 31.99 16.97
C HIS E 372 -39.37 33.31 17.13
N ARG E 373 -40.43 33.45 16.35
CA ARG E 373 -41.29 34.64 16.44
C ARG E 373 -41.83 34.78 17.86
N LEU E 374 -42.37 33.67 18.39
CA LEU E 374 -42.89 33.64 19.75
C LEU E 374 -41.79 33.95 20.74
N SER E 375 -40.59 33.45 20.44
CA SER E 375 -39.43 33.68 21.26
C SER E 375 -39.06 35.18 21.31
N LEU E 376 -39.17 35.81 20.13
CA LEU E 376 -38.80 37.19 19.96
C LEU E 376 -39.77 38.08 20.69
N TYR E 377 -41.08 37.83 20.53
CA TYR E 377 -42.06 38.58 21.32
C TYR E 377 -41.86 38.42 22.84
N GLN E 378 -41.75 37.18 23.28
CA GLN E 378 -41.40 36.86 24.66
C GLN E 378 -40.23 37.72 25.18
N ARG E 379 -39.24 37.96 24.33
CA ARG E 379 -38.13 38.81 24.70
C ARG E 379 -38.53 40.29 24.80
N ALA E 380 -39.52 40.68 24.00
CA ALA E 380 -40.02 42.05 24.02
C ALA E 380 -40.69 42.35 25.35
N VAL E 381 -41.61 41.48 25.78
CA VAL E 381 -42.14 41.61 27.14
C VAL E 381 -41.01 41.58 28.17
N ARG E 382 -40.18 40.56 28.06
CA ARG E 382 -39.12 40.26 29.01
C ARG E 382 -38.24 41.48 29.32
N LEU E 383 -37.88 42.24 28.29
CA LEU E 383 -37.14 43.50 28.47
C LEU E 383 -38.04 44.62 28.99
N ARG E 384 -39.30 44.59 28.59
CA ARG E 384 -40.24 45.62 28.99
C ARG E 384 -40.43 45.59 30.53
N GLU E 385 -40.23 44.43 31.14
CA GLU E 385 -40.50 44.32 32.56
C GLU E 385 -39.24 44.32 33.45
N SER E 386 -38.12 44.81 32.94
CA SER E 386 -36.97 45.11 33.76
C SER E 386 -36.76 46.61 33.64
N PRO E 387 -36.94 47.35 34.75
CA PRO E 387 -36.94 48.82 34.81
C PRO E 387 -35.95 49.53 33.91
N SER E 388 -34.91 48.82 33.50
CA SER E 388 -33.91 49.34 32.56
C SER E 388 -34.50 50.02 31.32
N CYS E 389 -35.60 49.48 30.81
CA CYS E 389 -36.21 49.99 29.58
C CYS E 389 -37.64 50.58 29.72
N LYS E 390 -37.94 51.18 30.86
CA LYS E 390 -39.20 51.85 31.05
C LYS E 390 -39.23 53.17 30.31
N LYS E 391 -38.09 53.87 30.28
CA LYS E 391 -37.99 55.14 29.58
C LYS E 391 -38.26 54.96 28.07
N PHE E 392 -37.78 53.85 27.54
CA PHE E 392 -37.92 53.55 26.13
C PHE E 392 -39.30 53.01 25.79
N LYS E 393 -40.27 53.28 26.67
CA LYS E 393 -41.64 52.76 26.51
C LYS E 393 -42.25 53.13 25.16
N HIS E 394 -41.97 54.36 24.71
CA HIS E 394 -42.49 54.81 23.40
C HIS E 394 -42.16 53.82 22.26
N LEU E 395 -41.26 52.89 22.54
CA LEU E 395 -40.87 51.87 21.57
C LEU E 395 -41.59 50.55 21.79
N PHE E 396 -42.54 50.52 22.71
CA PHE E 396 -43.18 49.26 23.13
C PHE E 396 -44.63 49.14 22.67
N GLN E 397 -44.94 49.78 21.55
CA GLN E 397 -46.28 49.77 21.07
C GLN E 397 -46.51 48.72 19.98
N GLN E 398 -45.45 48.04 19.57
CA GLN E 398 -45.57 46.98 18.58
C GLN E 398 -46.30 45.76 19.13
N LEU E 399 -46.44 45.70 20.45
CA LEU E 399 -46.96 44.52 21.14
C LEU E 399 -48.22 43.89 20.52
N PRO E 400 -48.08 42.63 20.13
CA PRO E 400 -49.25 41.75 19.91
C PRO E 400 -49.93 41.42 21.22
N GLU E 401 -51.18 41.00 21.15
CA GLU E 401 -51.94 40.68 22.37
C GLU E 401 -52.06 39.18 22.60
N MET E 402 -51.28 38.39 21.87
CA MET E 402 -51.31 36.95 21.99
C MET E 402 -50.51 36.50 23.22
N ALA E 403 -51.21 36.18 24.31
CA ALA E 403 -50.60 35.84 25.56
C ALA E 403 -50.43 34.32 25.71
N VAL E 404 -49.56 33.93 26.63
CA VAL E 404 -49.06 32.54 26.73
C VAL E 404 -49.90 31.58 27.62
N GLN E 405 -50.52 30.57 27.02
CA GLN E 405 -51.36 29.62 27.75
C GLN E 405 -50.57 28.49 28.47
N ASP E 406 -51.23 27.84 29.44
CA ASP E 406 -50.77 26.55 30.00
C ASP E 406 -51.88 25.51 29.86
N VAL E 407 -51.60 24.46 29.09
CA VAL E 407 -52.50 23.31 28.97
C VAL E 407 -52.20 22.28 30.07
N LYS E 408 -52.56 21.01 29.86
CA LYS E 408 -52.41 19.99 30.94
C LYS E 408 -51.02 19.32 31.09
N HIS E 409 -50.30 19.72 32.15
CA HIS E 409 -49.02 19.15 32.48
C HIS E 409 -49.23 18.20 33.65
N VAL E 410 -48.44 17.15 33.68
CA VAL E 410 -48.57 16.11 34.71
C VAL E 410 -47.15 15.64 35.02
N THR E 411 -46.94 14.95 36.13
CA THR E 411 -45.61 14.53 36.54
C THR E 411 -45.63 13.06 36.98
N ILE E 412 -44.50 12.39 36.81
CA ILE E 412 -44.38 10.98 37.18
C ILE E 412 -43.02 10.78 37.86
N THR E 413 -42.90 9.72 38.65
CA THR E 413 -41.66 9.48 39.38
C THR E 413 -40.71 8.50 38.66
N GLY E 414 -39.55 9.02 38.26
CA GLY E 414 -38.59 8.23 37.50
C GLY E 414 -37.71 7.32 38.33
N ARG E 415 -36.93 6.47 37.65
CA ARG E 415 -36.09 5.46 38.29
C ARG E 415 -34.85 5.20 37.42
N CYS E 442 -33.70 3.29 32.83
CA CYS E 442 -34.94 3.34 32.06
C CYS E 442 -34.94 4.56 31.10
N SER E 443 -35.85 4.59 30.14
CA SER E 443 -35.99 5.73 29.23
C SER E 443 -37.19 6.53 29.68
N VAL E 444 -37.08 7.85 29.59
CA VAL E 444 -38.19 8.70 29.94
C VAL E 444 -39.46 8.45 29.11
N GLU E 445 -39.34 8.19 27.82
CA GLU E 445 -40.45 7.92 26.94
C GLU E 445 -41.17 6.65 27.41
N GLU E 446 -40.37 5.64 27.70
CA GLU E 446 -40.94 4.36 28.11
C GLU E 446 -41.68 4.48 29.44
N LEU E 447 -41.20 5.34 30.34
CA LEU E 447 -41.90 5.52 31.59
C LEU E 447 -43.24 6.18 31.34
N ALA E 448 -43.25 7.19 30.47
CA ALA E 448 -44.48 7.86 30.08
C ALA E 448 -45.47 6.86 29.47
N LEU E 449 -44.99 6.02 28.55
CA LEU E 449 -45.85 5.04 27.92
C LEU E 449 -46.52 4.12 28.96
N ALA E 450 -45.74 3.67 29.93
CA ALA E 450 -46.18 2.84 31.04
C ALA E 450 -47.25 3.53 31.88
N HIS E 451 -47.11 4.82 32.07
CA HIS E 451 -48.07 5.59 32.83
C HIS E 451 -49.39 5.71 32.09
N TYR E 452 -49.33 5.94 30.80
CA TYR E 452 -50.56 6.08 30.05
C TYR E 452 -51.28 4.75 29.94
N ARG E 453 -50.53 3.64 29.89
CA ARG E 453 -51.16 2.33 29.98
C ARG E 453 -51.84 2.16 31.34
N ARG E 454 -51.30 2.78 32.38
CA ARG E 454 -51.99 2.75 33.66
C ARG E 454 -53.21 3.66 33.62
N SER E 455 -53.21 4.64 32.72
CA SER E 455 -54.30 5.61 32.69
C SER E 455 -55.35 5.18 31.68
N GLY E 456 -55.24 3.93 31.24
CA GLY E 456 -56.21 3.34 30.33
C GLY E 456 -55.88 3.44 28.84
N PHE E 457 -54.68 3.90 28.50
CA PHE E 457 -54.30 3.94 27.10
C PHE E 457 -53.43 2.76 26.78
N ASP E 458 -54.05 1.65 26.41
CA ASP E 458 -53.37 0.37 26.25
C ASP E 458 -52.34 0.39 25.10
N GLN E 459 -52.53 1.30 24.17
CA GLN E 459 -51.58 1.48 23.07
C GLN E 459 -50.66 2.71 23.23
N GLY E 460 -49.52 2.70 22.54
CA GLY E 460 -48.59 3.82 22.61
C GLY E 460 -47.51 3.69 21.56
N ILE E 461 -47.08 4.81 20.98
CA ILE E 461 -45.98 4.80 20.01
C ILE E 461 -45.01 5.93 20.30
N HIS E 462 -43.72 5.62 20.44
CA HIS E 462 -42.68 6.66 20.49
C HIS E 462 -42.07 6.78 19.11
N GLY E 463 -42.55 7.74 18.34
CA GLY E 463 -42.16 7.85 16.94
C GLY E 463 -41.92 9.28 16.51
N GLU E 464 -42.13 10.22 17.45
CA GLU E 464 -41.92 11.64 17.21
C GLU E 464 -42.73 12.09 16.00
N GLY E 465 -42.09 12.87 15.13
CA GLY E 465 -42.76 13.43 13.97
C GLY E 465 -42.98 12.36 12.92
N SER E 466 -42.07 11.40 12.85
CA SER E 466 -42.09 10.42 11.77
C SER E 466 -43.41 9.64 11.71
N THR E 467 -44.09 9.48 12.84
CA THR E 467 -45.46 8.96 12.86
C THR E 467 -46.37 9.67 11.83
N PHE E 468 -46.69 10.94 12.08
CA PHE E 468 -47.55 11.68 11.17
C PHE E 468 -46.93 11.88 9.81
N SER E 469 -45.60 12.03 9.77
CA SER E 469 -44.96 12.27 8.47
C SER E 469 -45.23 11.00 7.66
N THR E 470 -45.10 9.87 8.33
CA THR E 470 -45.37 8.60 7.62
C THR E 470 -46.81 8.57 7.03
N LEU E 471 -47.75 9.02 7.84
CA LEU E 471 -49.14 9.05 7.38
C LEU E 471 -49.28 10.05 6.23
N TYR E 472 -48.63 11.22 6.38
CA TYR E 472 -48.58 12.23 5.33
C TYR E 472 -48.13 11.57 4.04
N GLY E 473 -47.01 10.86 4.13
CA GLY E 473 -46.46 10.12 3.01
C GLY E 473 -47.43 9.14 2.36
N LEU E 474 -48.17 8.39 3.18
CA LEU E 474 -49.23 7.53 2.68
C LEU E 474 -50.44 8.24 2.03
N LEU E 475 -50.73 9.46 2.44
CA LEU E 475 -51.90 10.15 1.98
C LEU E 475 -51.63 11.00 0.74
N LEU E 476 -50.38 11.39 0.55
CA LEU E 476 -50.11 12.30 -0.58
C LEU E 476 -48.97 11.87 -1.47
N TRP E 477 -48.60 10.60 -1.35
CA TRP E 477 -47.51 10.00 -2.08
C TRP E 477 -47.47 10.36 -3.57
N ASP E 478 -48.57 10.14 -4.27
CA ASP E 478 -48.58 10.28 -5.72
C ASP E 478 -48.50 11.73 -6.15
N ILE E 479 -48.78 12.65 -5.25
CA ILE E 479 -48.54 14.07 -5.53
C ILE E 479 -47.05 14.39 -5.22
N ILE E 480 -46.55 13.86 -4.12
CA ILE E 480 -45.13 14.01 -3.78
C ILE E 480 -44.27 13.59 -4.97
N PHE E 481 -44.70 12.56 -5.65
CA PHE E 481 -43.91 12.03 -6.77
C PHE E 481 -44.50 12.28 -8.14
N MET E 482 -45.45 13.19 -8.25
CA MET E 482 -46.13 13.45 -9.53
C MET E 482 -45.22 14.03 -10.62
N ASP E 483 -45.58 13.78 -11.88
CA ASP E 483 -44.86 14.30 -13.03
C ASP E 483 -45.28 15.74 -13.34
N GLY E 484 -44.44 16.45 -14.09
CA GLY E 484 -44.83 17.74 -14.61
C GLY E 484 -44.19 18.93 -13.93
N ILE E 485 -43.33 18.67 -12.96
CA ILE E 485 -42.64 19.75 -12.25
C ILE E 485 -41.17 19.74 -12.62
N PRO E 486 -40.74 20.67 -13.48
CA PRO E 486 -39.40 20.52 -14.07
C PRO E 486 -38.30 20.74 -13.03
N ASP E 487 -37.27 19.88 -13.11
CA ASP E 487 -36.04 20.00 -12.31
C ASP E 487 -36.10 19.53 -10.85
N VAL E 488 -37.24 19.00 -10.41
CA VAL E 488 -37.31 18.41 -9.06
C VAL E 488 -36.81 16.98 -9.09
N PHE E 489 -36.81 16.38 -10.27
CA PHE E 489 -36.27 15.04 -10.41
C PHE E 489 -35.12 15.05 -11.40
N ARG E 490 -33.90 14.80 -10.95
CA ARG E 490 -32.74 14.92 -11.83
C ARG E 490 -32.05 13.59 -12.10
N ASN E 491 -32.21 12.63 -11.19
CA ASN E 491 -31.57 11.34 -11.38
C ASN E 491 -32.41 10.21 -10.83
N ALA E 492 -31.96 8.97 -11.03
CA ALA E 492 -32.72 7.79 -10.65
C ALA E 492 -32.61 7.41 -9.17
N CYS E 493 -31.89 8.21 -8.40
CA CYS E 493 -31.62 7.85 -7.00
C CYS E 493 -32.12 8.89 -6.01
N GLN E 494 -33.33 9.39 -6.21
CA GLN E 494 -33.85 10.37 -5.26
C GLN E 494 -34.84 9.78 -4.32
N ALA E 495 -34.75 10.13 -3.04
CA ALA E 495 -35.71 9.69 -2.02
C ALA E 495 -36.82 10.72 -1.80
N PHE E 496 -36.73 11.85 -2.50
CA PHE E 496 -37.67 12.96 -2.28
C PHE E 496 -37.55 13.99 -3.41
N PRO E 497 -38.64 14.72 -3.70
CA PRO E 497 -38.53 15.71 -4.77
C PRO E 497 -37.68 16.87 -4.25
N LEU E 498 -36.91 17.51 -5.12
CA LEU E 498 -35.89 18.44 -4.64
C LEU E 498 -36.48 19.69 -3.98
N ASP E 499 -37.76 19.94 -4.23
CA ASP E 499 -38.38 21.16 -3.78
C ASP E 499 -39.16 20.90 -2.51
N LEU E 500 -38.97 19.70 -1.93
CA LEU E 500 -39.82 19.25 -0.84
C LEU E 500 -39.85 20.25 0.32
N CYS E 501 -38.68 20.73 0.71
CA CYS E 501 -38.59 21.61 1.90
C CYS E 501 -38.58 23.06 1.50
N THR E 502 -39.24 23.37 0.40
CA THR E 502 -39.11 24.69 -0.18
C THR E 502 -40.52 25.20 -0.54
N ASP E 503 -40.66 26.51 -0.55
CA ASP E 503 -41.96 27.12 -0.69
C ASP E 503 -42.56 26.73 -2.03
N SER E 504 -41.73 26.44 -3.03
CA SER E 504 -42.29 26.17 -4.34
C SER E 504 -42.95 24.77 -4.42
N PHE E 505 -42.73 23.93 -3.41
CA PHE E 505 -43.32 22.61 -3.44
C PHE E 505 -44.85 22.70 -3.53
N PHE E 506 -45.39 23.51 -2.61
CA PHE E 506 -46.83 23.66 -2.48
C PHE E 506 -47.39 24.48 -3.64
N THR E 507 -46.72 25.60 -3.95
CA THR E 507 -47.22 26.48 -4.98
C THR E 507 -47.21 25.80 -6.35
N SER E 508 -46.30 24.86 -6.54
CA SER E 508 -46.25 24.16 -7.81
C SER E 508 -47.25 23.02 -7.91
N ARG E 509 -47.86 22.62 -6.80
CA ARG E 509 -48.77 21.48 -6.84
C ARG E 509 -50.12 21.83 -6.18
N ARG E 510 -50.39 23.14 -6.10
CA ARG E 510 -51.59 23.63 -5.46
C ARG E 510 -52.92 23.03 -5.94
N PRO E 511 -53.15 22.86 -7.27
CA PRO E 511 -54.49 22.38 -7.62
C PRO E 511 -54.77 20.98 -7.05
N ALA E 512 -53.83 20.06 -7.28
CA ALA E 512 -53.98 18.67 -6.84
C ALA E 512 -53.97 18.60 -5.31
N LEU E 513 -53.16 19.47 -4.70
CA LEU E 513 -53.05 19.50 -3.26
C LEU E 513 -54.33 20.01 -2.64
N GLU E 514 -54.86 21.11 -3.17
CA GLU E 514 -56.06 21.68 -2.60
C GLU E 514 -57.17 20.66 -2.73
N ALA E 515 -57.24 19.96 -3.87
CA ALA E 515 -58.31 18.99 -4.04
C ALA E 515 -58.17 17.81 -3.08
N ARG E 516 -56.92 17.42 -2.79
CA ARG E 516 -56.69 16.22 -2.00
C ARG E 516 -56.86 16.44 -0.50
N LEU E 517 -56.43 17.62 -0.02
CA LEU E 517 -56.60 18.05 1.38
C LEU E 517 -58.08 18.33 1.75
N GLN E 518 -58.83 18.94 0.81
CA GLN E 518 -60.29 19.04 0.88
C GLN E 518 -60.97 17.66 0.96
N LEU E 519 -60.49 16.74 0.14
CA LEU E 519 -61.03 15.37 0.15
C LEU E 519 -60.71 14.62 1.43
N ILE E 520 -59.62 15.02 2.08
CA ILE E 520 -59.15 14.36 3.31
C ILE E 520 -59.92 14.89 4.50
N HIS E 521 -60.03 16.22 4.57
CA HIS E 521 -60.82 16.87 5.61
C HIS E 521 -62.24 16.27 5.77
N ASP E 522 -62.89 15.95 4.64
CA ASP E 522 -64.25 15.41 4.58
C ASP E 522 -64.30 13.89 4.53
N ALA E 523 -63.15 13.25 4.53
CA ALA E 523 -63.16 11.83 4.27
C ALA E 523 -63.69 11.07 5.47
N PRO E 524 -64.59 10.10 5.22
CA PRO E 524 -65.02 9.18 6.26
C PRO E 524 -63.96 8.11 6.53
N GLU E 525 -64.08 7.44 7.68
CA GLU E 525 -63.09 6.49 8.17
C GLU E 525 -62.66 5.53 7.06
N GLU E 526 -63.68 5.01 6.39
CA GLU E 526 -63.54 3.96 5.38
C GLU E 526 -62.66 4.42 4.19
N SER E 527 -62.88 5.66 3.78
CA SER E 527 -62.08 6.27 2.75
C SER E 527 -60.60 6.33 3.19
N LEU E 528 -60.36 6.86 4.39
CA LEU E 528 -59.02 7.03 4.90
C LEU E 528 -58.26 5.69 4.91
N ARG E 529 -58.88 4.71 5.52
CA ARG E 529 -58.26 3.40 5.65
C ARG E 529 -57.93 2.83 4.28
N ALA E 530 -58.85 3.00 3.33
CA ALA E 530 -58.70 2.43 1.95
C ALA E 530 -57.57 3.07 1.13
N TRP E 531 -57.54 4.41 1.13
CA TRP E 531 -56.45 5.16 0.53
C TRP E 531 -55.11 4.81 1.14
N VAL E 532 -55.02 4.68 2.46
CA VAL E 532 -53.78 4.34 3.13
C VAL E 532 -53.29 2.97 2.63
N ALA E 533 -54.21 2.01 2.55
CA ALA E 533 -53.91 0.66 2.07
C ALA E 533 -53.42 0.69 0.62
N ALA E 534 -54.06 1.55 -0.17
CA ALA E 534 -53.69 1.68 -1.58
C ALA E 534 -52.21 2.10 -1.70
N THR E 535 -51.86 3.23 -1.12
CA THR E 535 -50.47 3.70 -1.12
C THR E 535 -49.55 2.67 -0.50
N TRP E 536 -49.92 2.12 0.64
CA TRP E 536 -49.08 1.09 1.28
C TRP E 536 -48.79 -0.04 0.30
N HIS E 537 -49.83 -0.59 -0.32
CA HIS E 537 -49.68 -1.68 -1.25
C HIS E 537 -48.87 -1.32 -2.47
N GLU E 538 -49.08 -0.14 -3.00
CA GLU E 538 -48.45 0.22 -4.29
C GLU E 538 -47.01 0.76 -4.16
N GLN E 539 -46.62 1.08 -2.93
CA GLN E 539 -45.28 1.55 -2.65
C GLN E 539 -44.54 0.82 -1.53
N GLU E 540 -45.12 -0.25 -0.95
CA GLU E 540 -44.47 -0.96 0.12
C GLU E 540 -43.05 -1.37 -0.27
N GLY E 541 -42.05 -1.01 0.55
CA GLY E 541 -40.68 -1.32 0.23
C GLY E 541 -39.86 -0.22 -0.41
N ARG E 542 -40.52 0.65 -1.15
CA ARG E 542 -39.85 1.75 -1.84
C ARG E 542 -39.36 2.78 -0.84
N VAL E 543 -38.24 3.40 -1.15
CA VAL E 543 -37.63 4.33 -0.17
C VAL E 543 -38.19 5.71 -0.31
N ALA E 544 -38.98 6.12 0.66
CA ALA E 544 -39.54 7.46 0.68
C ALA E 544 -39.07 8.16 1.92
N SER E 545 -38.55 9.37 1.75
CA SER E 545 -37.94 10.08 2.89
C SER E 545 -38.96 10.41 3.97
N LEU E 546 -40.23 10.56 3.60
CA LEU E 546 -41.29 10.82 4.57
C LEU E 546 -41.64 9.62 5.43
N VAL E 547 -41.49 8.44 4.82
CA VAL E 547 -42.11 7.23 5.33
C VAL E 547 -41.09 6.27 5.97
N SER E 548 -41.37 5.94 7.23
CA SER E 548 -40.60 4.95 7.95
C SER E 548 -41.33 3.60 7.98
N TRP E 549 -40.86 2.63 7.21
CA TRP E 549 -41.61 1.40 7.09
C TRP E 549 -41.38 0.52 8.31
N ASP E 550 -40.82 1.08 9.37
CA ASP E 550 -40.74 0.31 10.60
C ASP E 550 -41.52 0.98 11.75
N ARG E 551 -41.95 2.20 11.48
CA ARG E 551 -42.61 2.98 12.51
C ARG E 551 -43.90 2.27 12.99
N PHE E 552 -44.68 1.75 12.05
CA PHE E 552 -45.96 1.14 12.41
C PHE E 552 -45.81 -0.35 12.53
N THR E 553 -46.68 -0.93 13.38
CA THR E 553 -46.71 -2.34 13.71
C THR E 553 -47.18 -3.16 12.50
N SER E 554 -47.99 -2.52 11.65
CA SER E 554 -48.66 -3.13 10.49
C SER E 554 -49.56 -2.08 9.82
N LEU E 555 -50.06 -2.41 8.63
CA LEU E 555 -51.00 -1.55 7.93
C LEU E 555 -52.23 -1.27 8.80
N GLN E 556 -52.62 -2.31 9.52
CA GLN E 556 -53.83 -2.29 10.32
C GLN E 556 -53.71 -1.27 11.46
N GLN E 557 -52.54 -1.24 12.10
CA GLN E 557 -52.33 -0.26 13.16
C GLN E 557 -52.42 1.13 12.57
N ALA E 558 -51.84 1.34 11.39
CA ALA E 558 -51.87 2.64 10.76
C ALA E 558 -53.31 3.08 10.45
N GLN E 559 -54.13 2.14 10.00
CA GLN E 559 -55.52 2.43 9.73
C GLN E 559 -56.24 2.74 11.04
N ASP E 560 -55.97 1.97 12.07
CA ASP E 560 -56.55 2.25 13.37
C ASP E 560 -56.18 3.66 13.88
N LEU E 561 -54.95 4.08 13.63
CA LEU E 561 -54.53 5.38 14.11
C LEU E 561 -55.21 6.49 13.33
N VAL E 562 -55.28 6.37 12.01
CA VAL E 562 -55.96 7.43 11.27
C VAL E 562 -57.44 7.50 11.69
N SER E 563 -58.02 6.36 11.99
CA SER E 563 -59.41 6.28 12.48
C SER E 563 -59.56 7.00 13.82
N CYS E 564 -58.58 6.85 14.72
CA CYS E 564 -58.67 7.42 16.06
C CYS E 564 -58.48 8.94 15.99
N LEU E 565 -57.49 9.38 15.23
CA LEU E 565 -57.22 10.80 15.19
C LEU E 565 -58.24 11.52 14.32
N GLY E 566 -58.64 10.90 13.21
CA GLY E 566 -59.67 11.48 12.36
C GLY E 566 -59.24 12.41 11.23
N GLY E 567 -60.14 12.59 10.28
CA GLY E 567 -59.81 13.22 9.00
C GLY E 567 -59.52 14.72 8.99
N PRO E 568 -60.37 15.52 9.67
CA PRO E 568 -60.13 16.98 9.69
C PRO E 568 -58.75 17.42 10.24
N VAL E 569 -58.35 16.76 11.33
CA VAL E 569 -57.03 16.91 11.91
C VAL E 569 -55.94 16.54 10.93
N LEU E 570 -56.01 15.35 10.35
CA LEU E 570 -55.06 14.92 9.32
C LEU E 570 -54.93 15.94 8.21
N SER E 571 -56.06 16.46 7.73
CA SER E 571 -56.04 17.46 6.68
C SER E 571 -55.28 18.68 7.12
N GLY E 572 -55.51 19.08 8.37
CA GLY E 572 -54.87 20.25 8.91
C GLY E 572 -53.38 20.10 8.95
N VAL E 573 -52.94 18.92 9.40
CA VAL E 573 -51.51 18.66 9.59
C VAL E 573 -50.84 18.56 8.22
N CYS E 574 -51.44 17.80 7.32
CA CYS E 574 -50.88 17.67 5.98
C CYS E 574 -50.75 19.02 5.29
N ARG E 575 -51.70 19.92 5.55
CA ARG E 575 -51.63 21.22 4.91
C ARG E 575 -50.38 22.02 5.37
N HIS E 576 -50.19 22.03 6.69
CA HIS E 576 -49.07 22.72 7.32
C HIS E 576 -47.75 22.12 6.83
N LEU E 577 -47.64 20.80 6.83
CA LEU E 577 -46.33 20.20 6.48
C LEU E 577 -46.08 20.26 4.99
N ALA E 578 -47.14 20.21 4.18
CA ALA E 578 -47.02 20.42 2.73
C ALA E 578 -46.57 21.85 2.42
N ALA E 579 -47.11 22.81 3.18
CA ALA E 579 -46.87 24.22 2.93
C ALA E 579 -45.48 24.63 3.42
N ASP E 580 -45.08 24.00 4.52
CA ASP E 580 -43.88 24.41 5.24
C ASP E 580 -43.35 23.28 6.14
N PHE E 581 -42.77 22.30 5.45
CA PHE E 581 -42.22 21.08 6.04
C PHE E 581 -41.14 21.31 7.08
N ARG E 582 -40.10 22.09 6.77
CA ARG E 582 -38.95 22.17 7.68
C ARG E 582 -39.29 22.76 9.03
N HIS E 583 -40.45 23.37 9.10
CA HIS E 583 -40.92 24.00 10.33
C HIS E 583 -42.09 23.31 11.01
N CYS E 584 -42.90 22.61 10.23
CA CYS E 584 -43.95 21.78 10.76
C CYS E 584 -43.43 20.44 11.27
N ARG E 585 -42.56 19.81 10.49
CA ARG E 585 -42.12 18.46 10.85
C ARG E 585 -41.44 18.42 12.22
N GLY E 586 -40.72 19.49 12.54
CA GLY E 586 -39.93 19.56 13.76
C GLY E 586 -40.62 19.74 15.11
N GLY E 587 -41.88 20.13 15.11
CA GLY E 587 -42.52 20.48 16.38
C GLY E 587 -43.36 19.37 16.97
N LEU E 588 -43.44 18.21 16.30
CA LEU E 588 -44.38 17.18 16.73
C LEU E 588 -43.93 16.39 17.98
N PRO E 589 -44.89 16.06 18.88
CA PRO E 589 -44.58 15.49 20.18
C PRO E 589 -43.90 14.13 20.05
N ALA E 590 -43.06 13.81 21.02
CA ALA E 590 -42.31 12.52 21.01
C ALA E 590 -43.25 11.32 21.00
N LEU E 591 -44.30 11.40 21.80
CA LEU E 591 -45.18 10.26 22.07
C LEU E 591 -46.62 10.42 21.64
N VAL E 592 -47.26 9.31 21.40
CA VAL E 592 -48.67 9.27 21.04
C VAL E 592 -49.35 8.00 21.53
N VAL E 593 -50.35 8.20 22.38
CA VAL E 593 -51.02 7.10 23.06
C VAL E 593 -52.53 7.14 22.80
N TRP E 594 -53.13 5.96 22.82
CA TRP E 594 -54.57 5.89 22.69
C TRP E 594 -55.24 4.70 23.36
N ASN E 595 -56.49 4.92 23.74
CA ASN E 595 -57.29 3.83 24.30
C ASN E 595 -57.99 3.10 23.15
N SER E 596 -57.62 1.86 22.91
CA SER E 596 -58.10 1.18 21.71
C SER E 596 -59.60 0.83 21.77
N GLN E 597 -60.22 1.01 22.93
CA GLN E 597 -61.66 0.82 23.06
C GLN E 597 -62.45 2.03 22.55
N SER E 598 -62.20 3.17 23.17
CA SER E 598 -62.93 4.38 22.77
C SER E 598 -62.31 5.06 21.56
N ARG E 599 -61.07 4.73 21.24
CA ARG E 599 -60.24 5.42 20.26
C ARG E 599 -59.94 6.87 20.63
N HIS E 600 -60.20 7.23 21.89
CA HIS E 600 -59.73 8.50 22.38
C HIS E 600 -58.20 8.45 22.52
N PHE E 601 -57.56 9.49 21.99
CA PHE E 601 -56.13 9.54 21.92
C PHE E 601 -55.63 10.85 22.57
N LYS E 602 -54.34 10.83 22.93
CA LYS E 602 -53.62 11.98 23.41
C LYS E 602 -52.25 12.05 22.72
N LEU E 603 -51.83 13.26 22.37
CA LEU E 603 -50.45 13.48 21.90
C LEU E 603 -49.65 13.98 23.10
N VAL E 604 -48.63 13.23 23.51
CA VAL E 604 -47.93 13.59 24.71
C VAL E 604 -46.46 13.89 24.46
N GLU E 605 -46.03 15.07 24.92
CA GLU E 605 -44.62 15.41 24.91
C GLU E 605 -44.01 15.09 26.28
N VAL E 606 -42.86 14.42 26.28
CA VAL E 606 -42.25 13.96 27.52
C VAL E 606 -41.00 14.81 27.85
N LYS E 607 -40.90 15.32 29.07
CA LYS E 607 -39.75 16.09 29.48
C LYS E 607 -39.20 15.67 30.83
N GLY E 608 -37.98 15.14 30.81
CA GLY E 608 -37.27 14.80 32.04
C GLY E 608 -36.77 16.05 32.73
N PRO E 609 -36.14 15.92 33.93
CA PRO E 609 -35.64 17.08 34.67
C PRO E 609 -34.71 17.92 33.79
N ASN E 610 -34.82 19.23 33.86
CA ASN E 610 -33.99 20.11 33.05
C ASN E 610 -34.15 19.99 31.51
N ASP E 611 -35.29 19.45 31.05
CA ASP E 611 -35.58 19.44 29.65
C ASP E 611 -36.86 20.20 29.43
N ARG E 612 -36.82 21.17 28.53
CA ARG E 612 -37.97 22.09 28.39
C ARG E 612 -38.62 22.10 27.01
N LEU E 613 -39.91 22.43 26.94
CA LEU E 613 -40.56 22.66 25.66
C LEU E 613 -39.78 23.64 24.82
N SER E 614 -39.54 23.27 23.56
CA SER E 614 -39.05 24.25 22.59
C SER E 614 -40.24 25.09 22.10
N HIS E 615 -39.98 26.24 21.51
CA HIS E 615 -41.05 27.10 21.04
C HIS E 615 -41.90 26.44 19.92
N LYS E 616 -41.23 25.76 19.00
CA LYS E 616 -41.99 25.07 17.94
C LYS E 616 -42.90 24.00 18.51
N GLN E 617 -42.44 23.25 19.50
CA GLN E 617 -43.25 22.27 20.17
C GLN E 617 -44.47 22.91 20.85
N MET E 618 -44.27 24.06 21.47
CA MET E 618 -45.36 24.76 22.11
C MET E 618 -46.36 25.24 21.08
N ILE E 619 -45.90 25.74 19.94
CA ILE E 619 -46.80 26.20 18.88
C ILE E 619 -47.67 25.06 18.34
N TRP E 620 -47.08 23.88 18.20
CA TRP E 620 -47.83 22.74 17.64
C TRP E 620 -48.75 22.12 18.64
N LEU E 621 -48.44 22.22 19.93
CA LEU E 621 -49.41 21.77 20.93
C LEU E 621 -50.68 22.64 20.84
N ALA E 622 -50.46 23.95 20.74
CA ALA E 622 -51.55 24.90 20.54
C ALA E 622 -52.31 24.61 19.24
N GLU E 623 -51.60 24.43 18.13
CA GLU E 623 -52.29 24.13 16.88
C GLU E 623 -53.16 22.87 17.00
N LEU E 624 -52.61 21.83 17.61
CA LEU E 624 -53.24 20.55 17.69
C LEU E 624 -54.45 20.64 18.55
N GLN E 625 -54.35 21.32 19.69
CA GLN E 625 -55.52 21.51 20.54
C GLN E 625 -56.63 22.27 19.76
N LYS E 626 -56.21 23.23 18.94
CA LYS E 626 -57.17 24.05 18.19
C LYS E 626 -57.98 23.24 17.18
N LEU E 627 -57.33 22.25 16.59
CA LEU E 627 -58.03 21.39 15.63
C LEU E 627 -58.82 20.34 16.38
N GLY E 628 -58.82 20.40 17.71
CA GLY E 628 -59.67 19.52 18.50
C GLY E 628 -59.00 18.29 19.10
N ALA E 629 -57.75 18.07 18.74
CA ALA E 629 -57.00 16.93 19.27
C ALA E 629 -56.64 17.20 20.72
N GLU E 630 -56.60 16.17 21.56
CA GLU E 630 -56.27 16.41 22.93
C GLU E 630 -54.77 16.26 23.22
N VAL E 631 -54.18 17.16 24.02
CA VAL E 631 -52.74 17.14 24.25
C VAL E 631 -52.38 16.92 25.74
N GLU E 632 -51.19 16.42 26.05
CA GLU E 632 -50.72 16.35 27.42
C GLU E 632 -49.18 16.40 27.48
N VAL E 633 -48.63 17.01 28.52
CA VAL E 633 -47.18 17.08 28.72
C VAL E 633 -46.76 16.28 29.95
N CYS E 634 -45.91 15.28 29.74
CA CYS E 634 -45.49 14.43 30.85
C CYS E 634 -44.09 14.75 31.37
N HIS E 635 -43.98 15.23 32.58
CA HIS E 635 -42.66 15.48 33.21
C HIS E 635 -42.21 14.29 34.06
N VAL E 636 -41.02 13.82 33.79
CA VAL E 636 -40.39 12.82 34.62
C VAL E 636 -39.52 13.54 35.64
N VAL E 637 -39.68 13.19 36.90
CA VAL E 637 -38.71 13.59 37.95
C VAL E 637 -37.65 12.51 38.16
N ALA E 638 -36.43 12.91 38.49
CA ALA E 638 -35.29 11.99 38.45
C ALA E 638 -35.54 10.63 39.14
#